data_7QHL
#
_entry.id   7QHL
#
_cell.length_a   69.890
_cell.length_b   163.900
_cell.length_c   73.170
_cell.angle_alpha   90.000
_cell.angle_beta   106.610
_cell.angle_gamma   90.000
#
_symmetry.space_group_name_H-M   'P 1 21 1'
#
loop_
_entity.id
_entity.type
_entity.pdbx_description
1 polymer 'Cyclin-dependent kinase 2'
2 polymer Cyclin-A2
3 non-polymer 5-(2-amino-1-ethyl)thio-3-cyclobutyl-7-[4-(pyrazol-1-yl)benzyl]amino-1(2)H-pyrazolo[4,3-d]pyrimidine
4 non-polymer GLYCEROL
5 non-polymer 1,2-ETHANEDIOL
6 non-polymer DI(HYDROXYETHYL)ETHER
7 non-polymer MONOTHIOGLYCEROL
8 water water
#
loop_
_entity_poly.entity_id
_entity_poly.type
_entity_poly.pdbx_seq_one_letter_code
_entity_poly.pdbx_strand_id
1 'polypeptide(L)'
;SMENFQKVEKIGEGTYGVVYKARNKLTGEVVALKKIRLDTETEGVPSTAIREISLLKELNHPNIVKLLDVIHTENKLYLV
FEFLHQDLKKFMDASALTGIPLPLIKSYLFQLLQGLAFCHSHRVLHRDLKPQNLLINTEGAIKLADFGLARAFGVPVRTY
(TPO)HEVVTLWYRAPEILLGCKYYSTAVDIWSLGCIFAEMVTRRALFPGDSEIDQLFRIFRTLGTPDEVVWPGVTSMPD
YKPSFPKWARQDFSKVVPPLDEDGRSLLSQMLHYDPNKRISAKAALAHPFFQDVTKPVPHLRL
;
A,C
2 'polypeptide(L)'
;VPDYHEDIHTYLREMEVKCKPKVGYMKKQPDITNSMRAILVDWLVEVGEEYKLQNETLHLAVNYIDRFLSSMSVLRGKLQ
LVGTAAMLLASKFEEIYPPEVAEFVYITDDTYTKKQVLRMEHLVLKVLTFDLAAPTVNQFLTQYFLHQQPANCKVESLAM
FLGELSLIDADPYLKYLPSVIAGAAFHLALYTVTGQSWPESLIRKTGYTLESLKPCLMDLHQTYLKAPQHAQQSIREKYK
NSKYHGVSLLNPPETLNL
;
B,D
#
loop_
_chem_comp.id
_chem_comp.type
_chem_comp.name
_chem_comp.formula
D5P non-polymer 5-(2-amino-1-ethyl)thio-3-cyclobutyl-7-[4-(pyrazol-1-yl)benzyl]amino-1(2)H-pyrazolo[4,3-d]pyrimidine 'C21 H24 N8 S'
EDO non-polymer 1,2-ETHANEDIOL 'C2 H6 O2'
GOL non-polymer GLYCEROL 'C3 H8 O3'
PEG non-polymer DI(HYDROXYETHYL)ETHER 'C4 H10 O3'
SGM non-polymer MONOTHIOGLYCEROL 'C3 H8 O2 S'
#
# COMPACT_ATOMS: atom_id res chain seq x y z
N MET A 2 -12.01 6.81 15.60
CA MET A 2 -12.58 6.16 16.88
C MET A 2 -14.12 6.22 16.98
N GLU A 3 -14.76 7.11 16.22
CA GLU A 3 -16.22 7.35 16.30
C GLU A 3 -16.93 6.06 15.87
N ASN A 4 -16.29 5.23 15.05
CA ASN A 4 -16.90 3.97 14.56
C ASN A 4 -16.84 2.82 15.57
N PHE A 5 -16.28 3.00 16.78
CA PHE A 5 -16.16 1.88 17.76
C PHE A 5 -17.03 2.17 18.97
N GLN A 6 -17.82 1.17 19.35
CA GLN A 6 -18.61 1.19 20.61
C GLN A 6 -17.80 0.34 21.61
N LYS A 7 -17.23 0.97 22.63
CA LYS A 7 -16.58 0.23 23.75
C LYS A 7 -17.65 -0.62 24.43
N VAL A 8 -17.41 -1.90 24.60
CA VAL A 8 -18.31 -2.82 25.33
C VAL A 8 -17.86 -2.89 26.80
N GLU A 9 -16.61 -3.29 27.06
CA GLU A 9 -16.05 -3.33 28.44
C GLU A 9 -14.52 -3.42 28.45
N LYS A 10 -13.91 -2.99 29.56
CA LYS A 10 -12.46 -3.18 29.86
C LYS A 10 -12.18 -4.68 30.04
N ILE A 11 -11.23 -5.26 29.29
CA ILE A 11 -10.88 -6.70 29.46
C ILE A 11 -9.44 -6.89 29.96
N GLY A 12 -8.62 -5.85 30.02
CA GLY A 12 -7.24 -5.97 30.48
C GLY A 12 -6.65 -4.62 30.79
N GLU A 13 -5.51 -4.61 31.48
CA GLU A 13 -4.76 -3.38 31.88
C GLU A 13 -3.38 -3.78 32.43
N VAL A 18 -4.44 -0.18 28.57
CA VAL A 18 -5.84 -0.69 28.76
C VAL A 18 -6.33 -1.36 27.47
N VAL A 19 -6.92 -2.56 27.60
CA VAL A 19 -7.53 -3.30 26.44
C VAL A 19 -9.05 -3.31 26.67
N TYR A 20 -9.81 -2.85 25.69
CA TYR A 20 -11.29 -2.91 25.69
C TYR A 20 -11.78 -3.91 24.63
N LYS A 21 -12.82 -4.63 24.97
CA LYS A 21 -13.71 -5.28 23.97
C LYS A 21 -14.55 -4.16 23.36
N ALA A 22 -14.64 -4.14 22.04
CA ALA A 22 -15.41 -3.10 21.33
C ALA A 22 -16.03 -3.71 20.09
N ARG A 23 -16.97 -2.95 19.55
CA ARG A 23 -17.75 -3.34 18.35
CA ARG A 23 -17.73 -3.35 18.35
C ARG A 23 -17.59 -2.24 17.30
N ASN A 24 -17.24 -2.62 16.07
CA ASN A 24 -17.31 -1.71 14.90
C ASN A 24 -18.81 -1.40 14.65
N LYS A 25 -19.24 -0.16 14.81
CA LYS A 25 -20.69 0.21 14.70
C LYS A 25 -21.20 0.04 13.27
N LEU A 26 -20.30 0.03 12.28
CA LEU A 26 -20.71 -0.02 10.86
C LEU A 26 -20.70 -1.45 10.32
N THR A 27 -19.69 -2.26 10.68
CA THR A 27 -19.52 -3.62 10.14
C THR A 27 -20.00 -4.68 11.14
N GLY A 28 -20.16 -4.32 12.43
CA GLY A 28 -20.53 -5.30 13.49
C GLY A 28 -19.31 -6.07 14.02
N GLU A 29 -18.13 -5.92 13.43
CA GLU A 29 -16.91 -6.69 13.81
C GLU A 29 -16.57 -6.40 15.28
N VAL A 30 -16.45 -7.47 16.06
CA VAL A 30 -15.98 -7.39 17.47
C VAL A 30 -14.45 -7.37 17.45
N VAL A 31 -13.87 -6.42 18.15
CA VAL A 31 -12.41 -6.18 18.19
C VAL A 31 -11.95 -6.04 19.64
N ALA A 32 -10.62 -6.07 19.82
CA ALA A 32 -9.96 -5.65 21.08
C ALA A 32 -9.21 -4.36 20.78
N LEU A 33 -9.51 -3.30 21.51
CA LEU A 33 -8.79 -2.00 21.38
C LEU A 33 -7.76 -1.93 22.49
N LYS A 34 -6.49 -1.82 22.11
CA LYS A 34 -5.36 -1.59 23.03
C LYS A 34 -5.02 -0.10 22.97
N LYS A 35 -5.44 0.62 24.00
CA LYS A 35 -5.20 2.06 24.15
C LYS A 35 -3.80 2.24 24.76
N ILE A 36 -2.92 2.98 24.08
CA ILE A 36 -1.57 3.39 24.57
C ILE A 36 -1.62 4.89 24.87
N ARG A 37 -1.42 5.30 26.13
CA ARG A 37 -1.37 6.75 26.49
C ARG A 37 -0.02 7.33 26.04
N LEU A 38 -0.03 8.54 25.46
CA LEU A 38 1.17 9.28 24.94
C LEU A 38 1.65 10.39 25.92
N ASP A 39 1.21 10.39 27.19
CA ASP A 39 1.70 11.35 28.24
C ASP A 39 1.90 10.65 29.60
N THR A 42 6.13 12.06 28.28
CA THR A 42 6.72 13.20 27.53
C THR A 42 7.69 12.71 26.43
N GLU A 43 7.70 11.42 26.07
CA GLU A 43 8.78 10.82 25.23
C GLU A 43 8.21 10.41 23.86
N GLY A 44 6.99 10.80 23.57
CA GLY A 44 6.31 10.48 22.31
C GLY A 44 5.77 9.07 22.31
N VAL A 45 5.83 8.39 21.16
CA VAL A 45 5.27 7.01 21.08
C VAL A 45 6.18 6.07 21.88
N PRO A 46 5.65 5.32 22.87
CA PRO A 46 6.45 4.36 23.64
C PRO A 46 7.16 3.32 22.76
N SER A 47 8.40 2.96 23.10
CA SER A 47 9.18 1.89 22.40
CA SER A 47 9.18 1.90 22.40
C SER A 47 8.37 0.59 22.33
N THR A 48 7.62 0.28 23.38
CA THR A 48 6.80 -0.96 23.46
CA THR A 48 6.80 -0.96 23.46
C THR A 48 5.75 -0.97 22.33
N ALA A 49 5.15 0.18 22.04
CA ALA A 49 4.13 0.32 20.97
C ALA A 49 4.82 0.24 19.61
N ILE A 50 5.94 0.92 19.46
CA ILE A 50 6.70 0.96 18.19
C ILE A 50 7.13 -0.46 17.83
N ARG A 51 7.63 -1.21 18.81
CA ARG A 51 8.05 -2.62 18.57
C ARG A 51 6.84 -3.51 18.31
N GLU A 52 5.81 -3.42 19.13
CA GLU A 52 4.61 -4.31 18.95
C GLU A 52 4.01 -4.13 17.55
N ILE A 53 3.81 -2.89 17.11
CA ILE A 53 3.18 -2.62 15.79
C ILE A 53 4.12 -3.08 14.68
N SER A 54 5.38 -2.63 14.70
CA SER A 54 6.31 -2.91 13.58
C SER A 54 6.52 -4.41 13.45
N LEU A 55 6.65 -5.12 14.58
CA LEU A 55 6.89 -6.58 14.52
C LEU A 55 5.62 -7.35 14.16
N LEU A 56 4.45 -6.95 14.66
CA LEU A 56 3.22 -7.70 14.31
C LEU A 56 2.88 -7.53 12.83
N LYS A 57 3.30 -6.44 12.19
CA LYS A 57 3.05 -6.25 10.75
C LYS A 57 3.81 -7.31 9.94
N GLU A 58 4.87 -7.90 10.47
CA GLU A 58 5.60 -8.98 9.78
C GLU A 58 5.25 -10.37 10.33
N LEU A 59 4.22 -10.49 11.16
CA LEU A 59 3.99 -11.78 11.86
C LEU A 59 2.55 -12.22 11.57
N ASN A 60 2.26 -12.45 10.31
CA ASN A 60 0.97 -12.94 9.79
C ASN A 60 0.97 -14.48 9.88
N HIS A 61 0.28 -15.03 10.88
CA HIS A 61 0.28 -16.49 11.11
C HIS A 61 -0.99 -16.83 11.88
N PRO A 62 -1.57 -18.01 11.62
CA PRO A 62 -2.79 -18.44 12.30
C PRO A 62 -2.67 -18.49 13.83
N ASN A 63 -1.46 -18.64 14.39
CA ASN A 63 -1.26 -18.76 15.85
C ASN A 63 -0.60 -17.51 16.41
N ILE A 64 -0.75 -16.37 15.73
CA ILE A 64 -0.34 -15.05 16.25
C ILE A 64 -1.54 -14.12 16.11
N VAL A 65 -1.86 -13.41 17.16
CA VAL A 65 -3.01 -12.48 17.16
C VAL A 65 -2.84 -11.46 16.02
N LYS A 66 -3.93 -11.15 15.33
CA LYS A 66 -3.93 -10.20 14.18
C LYS A 66 -4.10 -8.77 14.68
N LEU A 67 -3.19 -7.92 14.20
CA LEU A 67 -3.34 -6.47 14.31
C LEU A 67 -4.14 -6.01 13.09
N LEU A 68 -5.27 -5.33 13.32
CA LEU A 68 -6.20 -4.96 12.20
C LEU A 68 -5.97 -3.51 11.80
N ASP A 69 -5.60 -2.63 12.72
CA ASP A 69 -5.51 -1.19 12.41
C ASP A 69 -4.75 -0.49 13.51
N VAL A 70 -4.19 0.66 13.17
CA VAL A 70 -3.61 1.60 14.15
C VAL A 70 -4.24 2.96 13.94
N ILE A 71 -4.72 3.57 15.00
CA ILE A 71 -5.36 4.91 14.93
C ILE A 71 -4.62 5.85 15.90
N HIS A 72 -4.11 6.99 15.42
CA HIS A 72 -3.90 8.22 16.27
C HIS A 72 -5.26 8.83 16.68
N LYS A 76 -4.06 10.34 21.15
CA LYS A 76 -3.96 8.94 21.68
C LYS A 76 -3.51 7.97 20.58
N LEU A 77 -3.18 6.76 20.98
CA LEU A 77 -2.82 5.69 20.03
C LEU A 77 -3.67 4.48 20.37
N TYR A 78 -4.48 3.99 19.43
CA TYR A 78 -5.31 2.77 19.62
C TYR A 78 -4.82 1.74 18.62
N LEU A 79 -4.42 0.57 19.13
CA LEU A 79 -4.16 -0.59 18.27
C LEU A 79 -5.45 -1.41 18.23
N VAL A 80 -5.92 -1.73 17.03
CA VAL A 80 -7.15 -2.52 16.83
C VAL A 80 -6.76 -3.94 16.47
N PHE A 81 -7.17 -4.88 17.32
CA PHE A 81 -6.83 -6.31 17.17
C PHE A 81 -8.09 -7.14 17.01
N GLU A 82 -7.91 -8.34 16.49
CA GLU A 82 -8.95 -9.37 16.57
C GLU A 82 -9.22 -9.64 18.05
N PHE A 83 -10.48 -10.01 18.31
CA PHE A 83 -10.98 -10.34 19.65
C PHE A 83 -10.98 -11.85 19.77
N LEU A 84 -10.43 -12.38 20.87
CA LEU A 84 -10.60 -13.82 21.21
C LEU A 84 -11.31 -13.94 22.56
N HIS A 85 -12.13 -14.97 22.72
CA HIS A 85 -13.04 -15.09 23.88
C HIS A 85 -12.36 -15.25 25.24
N GLN A 86 -11.19 -15.89 25.27
CA GLN A 86 -10.55 -16.19 26.58
C GLN A 86 -9.02 -16.26 26.49
N ASP A 87 -8.34 -16.14 27.63
CA ASP A 87 -6.88 -16.39 27.74
C ASP A 87 -6.65 -17.76 28.43
N LEU A 88 -5.45 -18.32 28.25
CA LEU A 88 -5.11 -19.67 28.74
C LEU A 88 -5.10 -19.64 30.28
N LYS A 89 -4.81 -18.53 30.91
CA LYS A 89 -4.81 -18.46 32.39
C LYS A 89 -6.23 -18.71 32.91
N LYS A 90 -7.21 -18.02 32.34
CA LYS A 90 -8.62 -18.19 32.81
C LYS A 90 -9.13 -19.58 32.43
N PHE A 91 -8.75 -20.08 31.25
CA PHE A 91 -9.15 -21.45 30.87
C PHE A 91 -8.57 -22.46 31.89
N MET A 92 -7.32 -22.24 32.31
CA MET A 92 -6.62 -23.14 33.27
C MET A 92 -7.38 -23.10 34.60
N ASP A 93 -7.74 -21.91 35.07
CA ASP A 93 -8.49 -21.69 36.33
C ASP A 93 -9.83 -22.43 36.24
N ALA A 94 -10.53 -22.32 35.12
CA ALA A 94 -11.86 -22.92 34.94
C ALA A 94 -11.69 -24.44 34.90
N SER A 95 -10.54 -24.95 34.46
CA SER A 95 -10.27 -26.41 34.31
C SER A 95 -9.50 -26.99 35.51
N ALA A 96 -9.31 -26.23 36.60
CA ALA A 96 -8.45 -26.66 37.75
C ALA A 96 -8.98 -27.98 38.33
N LEU A 97 -10.31 -28.17 38.39
CA LEU A 97 -10.94 -29.37 39.00
C LEU A 97 -10.98 -30.53 37.99
N THR A 98 -11.36 -30.28 36.73
CA THR A 98 -11.46 -31.30 35.65
C THR A 98 -10.09 -31.67 35.07
N GLY A 99 -9.25 -30.66 34.88
CA GLY A 99 -8.03 -30.76 34.09
C GLY A 99 -8.33 -30.55 32.61
N ILE A 100 -7.33 -30.12 31.87
CA ILE A 100 -7.45 -29.95 30.41
C ILE A 100 -7.25 -31.33 29.81
N PRO A 101 -8.13 -31.81 28.93
CA PRO A 101 -7.94 -33.09 28.28
C PRO A 101 -6.59 -33.16 27.56
N LEU A 102 -5.95 -34.32 27.63
CA LEU A 102 -4.62 -34.57 27.06
C LEU A 102 -4.58 -34.15 25.58
N PRO A 103 -5.57 -34.48 24.72
CA PRO A 103 -5.49 -34.11 23.31
C PRO A 103 -5.52 -32.59 23.10
N LEU A 104 -6.21 -31.86 23.97
CA LEU A 104 -6.28 -30.40 23.89
C LEU A 104 -4.95 -29.78 24.39
N ILE A 105 -4.33 -30.34 25.42
CA ILE A 105 -2.97 -29.89 25.87
C ILE A 105 -2.03 -30.03 24.68
N LYS A 106 -2.09 -31.16 24.00
CA LYS A 106 -1.17 -31.44 22.88
C LYS A 106 -1.45 -30.50 21.70
N SER A 107 -2.71 -30.29 21.36
CA SER A 107 -3.15 -29.35 20.30
C SER A 107 -2.59 -27.95 20.61
N TYR A 108 -2.84 -27.45 21.83
CA TYR A 108 -2.45 -26.10 22.24
C TYR A 108 -0.92 -25.97 22.17
N LEU A 109 -0.18 -26.95 22.66
CA LEU A 109 1.29 -26.83 22.65
C LEU A 109 1.76 -26.85 21.19
N PHE A 110 1.17 -27.72 20.35
CA PHE A 110 1.56 -27.84 18.92
C PHE A 110 1.38 -26.47 18.25
N GLN A 111 0.25 -25.82 18.51
CA GLN A 111 -0.13 -24.52 17.90
C GLN A 111 0.77 -23.40 18.47
N LEU A 112 1.07 -23.40 19.77
CA LEU A 112 2.01 -22.41 20.38
C LEU A 112 3.39 -22.54 19.71
N LEU A 113 3.83 -23.76 19.49
CA LEU A 113 5.15 -24.02 18.85
C LEU A 113 5.15 -23.56 17.37
N GLN A 114 4.04 -23.76 16.66
CA GLN A 114 3.92 -23.25 15.26
CA GLN A 114 3.90 -23.25 15.26
C GLN A 114 4.05 -21.71 15.26
N GLY A 115 3.32 -21.03 16.14
CA GLY A 115 3.38 -19.58 16.28
C GLY A 115 4.78 -19.14 16.62
N LEU A 116 5.40 -19.80 17.59
CA LEU A 116 6.74 -19.39 18.07
C LEU A 116 7.78 -19.70 17.00
N ALA A 117 7.70 -20.83 16.32
CA ALA A 117 8.65 -21.17 15.23
C ALA A 117 8.60 -20.06 14.17
N PHE A 118 7.39 -19.57 13.88
CA PHE A 118 7.19 -18.48 12.88
C PHE A 118 7.89 -17.22 13.40
N CYS A 119 7.71 -16.85 14.68
CA CYS A 119 8.40 -15.69 15.27
C CYS A 119 9.91 -15.81 15.09
N HIS A 120 10.48 -16.94 15.48
CA HIS A 120 11.95 -17.15 15.50
C HIS A 120 12.51 -17.14 14.06
N SER A 121 11.77 -17.70 13.09
CA SER A 121 12.11 -17.76 11.65
CA SER A 121 12.14 -17.74 11.66
C SER A 121 12.07 -16.34 11.03
N HIS A 122 11.39 -15.40 11.70
CA HIS A 122 11.24 -13.97 11.32
C HIS A 122 12.01 -13.09 12.31
N ARG A 123 13.03 -13.67 12.97
CA ARG A 123 14.00 -12.99 13.87
C ARG A 123 13.24 -12.16 14.91
N VAL A 124 12.17 -12.72 15.48
CA VAL A 124 11.47 -12.06 16.62
C VAL A 124 11.52 -12.95 17.88
N LEU A 125 11.94 -12.37 19.02
CA LEU A 125 11.87 -12.98 20.36
C LEU A 125 10.59 -12.41 20.98
N HIS A 126 9.77 -13.26 21.57
CA HIS A 126 8.57 -12.76 22.28
C HIS A 126 8.92 -12.16 23.64
N ARG A 127 9.54 -12.97 24.49
CA ARG A 127 10.11 -12.56 25.80
C ARG A 127 9.01 -12.30 26.82
N ASP A 128 7.76 -12.67 26.57
CA ASP A 128 6.80 -12.63 27.71
C ASP A 128 5.71 -13.70 27.53
N LEU A 129 6.11 -14.89 27.14
CA LEU A 129 5.17 -16.02 27.03
C LEU A 129 4.77 -16.46 28.44
N LYS A 130 3.50 -16.25 28.74
CA LYS A 130 2.82 -16.73 29.96
C LYS A 130 1.34 -16.92 29.61
N PRO A 131 0.59 -17.73 30.39
CA PRO A 131 -0.77 -18.11 30.00
C PRO A 131 -1.69 -16.91 29.72
N GLN A 132 -1.56 -15.80 30.44
CA GLN A 132 -2.49 -14.64 30.24
C GLN A 132 -2.25 -13.95 28.88
N ASN A 133 -1.15 -14.25 28.19
CA ASN A 133 -0.77 -13.65 26.89
C ASN A 133 -1.04 -14.66 25.77
N LEU A 134 -1.71 -15.76 26.11
CA LEU A 134 -2.05 -16.78 25.11
C LEU A 134 -3.58 -16.83 25.02
N LEU A 135 -4.10 -16.50 23.83
CA LEU A 135 -5.55 -16.25 23.62
C LEU A 135 -6.18 -17.44 22.90
N ILE A 136 -7.39 -17.81 23.34
CA ILE A 136 -8.08 -19.00 22.78
C ILE A 136 -9.46 -18.58 22.27
N ASN A 137 -9.87 -19.24 21.18
CA ASN A 137 -11.20 -18.98 20.56
C ASN A 137 -12.06 -20.24 20.74
N THR A 138 -13.31 -20.18 20.29
CA THR A 138 -14.31 -21.24 20.57
C THR A 138 -14.03 -22.41 19.63
N GLU A 139 -13.20 -22.22 18.62
CA GLU A 139 -12.93 -23.25 17.58
C GLU A 139 -11.64 -24.03 17.85
N GLY A 140 -11.01 -23.90 19.02
CA GLY A 140 -9.84 -24.72 19.36
C GLY A 140 -8.49 -24.12 18.95
N ALA A 141 -8.47 -22.88 18.46
CA ALA A 141 -7.21 -22.16 18.15
C ALA A 141 -6.64 -21.54 19.42
N ILE A 142 -5.31 -21.44 19.47
CA ILE A 142 -4.63 -20.61 20.50
C ILE A 142 -3.61 -19.72 19.78
N LYS A 143 -3.44 -18.51 20.29
CA LYS A 143 -2.61 -17.51 19.63
C LYS A 143 -1.70 -16.78 20.61
N LEU A 144 -0.46 -16.51 20.16
CA LEU A 144 0.48 -15.64 20.89
C LEU A 144 -0.07 -14.23 20.84
N ALA A 145 -0.04 -13.53 21.96
CA ALA A 145 -0.42 -12.11 22.03
C ALA A 145 0.56 -11.36 22.93
N ASP A 146 0.41 -10.05 22.94
CA ASP A 146 1.20 -9.04 23.67
C ASP A 146 2.65 -9.11 23.20
N PHE A 147 2.96 -8.37 22.13
CA PHE A 147 4.33 -8.26 21.56
C PHE A 147 4.99 -6.97 22.03
N GLY A 148 4.48 -6.36 23.11
CA GLY A 148 5.04 -5.16 23.72
C GLY A 148 6.44 -5.39 24.32
N LEU A 149 6.80 -6.63 24.66
CA LEU A 149 8.12 -6.98 25.23
C LEU A 149 9.00 -7.66 24.19
N ALA A 150 8.54 -7.76 22.96
CA ALA A 150 9.23 -8.49 21.89
C ALA A 150 10.40 -7.63 21.35
N ARG A 151 11.30 -8.28 20.61
CA ARG A 151 12.45 -7.58 20.01
C ARG A 151 12.79 -8.29 18.70
N ALA A 152 13.21 -7.54 17.68
CA ALA A 152 13.86 -8.11 16.48
C ALA A 152 15.31 -8.40 16.83
N PHE A 153 15.75 -9.63 16.73
CA PHE A 153 17.11 -10.03 17.18
C PHE A 153 17.96 -10.16 15.92
N GLY A 154 19.27 -10.17 16.12
CA GLY A 154 20.23 -10.30 15.02
C GLY A 154 20.92 -11.64 15.06
N VAL A 155 21.55 -11.97 13.96
CA VAL A 155 22.31 -13.25 13.81
C VAL A 155 23.81 -12.91 13.70
N PRO A 156 24.64 -13.18 14.73
CA PRO A 156 24.23 -13.70 16.02
C PRO A 156 23.75 -12.56 16.91
N VAL A 157 23.26 -12.90 18.09
CA VAL A 157 22.65 -11.88 18.99
C VAL A 157 23.73 -11.00 19.59
N ARG A 158 23.31 -9.83 20.03
CA ARG A 158 24.15 -9.08 20.98
C ARG A 158 23.40 -9.03 22.30
N THR A 159 23.94 -8.32 23.26
CA THR A 159 23.30 -8.13 24.58
C THR A 159 22.02 -7.34 24.40
N TYR A 160 20.91 -7.80 25.01
CA TYR A 160 19.59 -7.17 24.99
C TYR A 160 19.21 -6.85 26.42
N TPO A 161 18.00 -6.31 26.57
CA TPO A 161 17.51 -5.91 27.88
CB TPO A 161 16.09 -5.37 27.78
CG2 TPO A 161 15.56 -4.79 29.07
OG1 TPO A 161 16.07 -4.28 26.76
P TPO A 161 15.41 -4.49 25.35
O1P TPO A 161 15.71 -3.15 24.63
O2P TPO A 161 16.07 -5.66 24.62
O3P TPO A 161 13.95 -4.70 25.62
C TPO A 161 17.56 -7.12 28.84
O TPO A 161 17.13 -8.21 28.49
N HIS A 162 18.06 -6.87 30.06
CA HIS A 162 18.22 -7.90 31.08
C HIS A 162 16.88 -8.16 31.75
N GLU A 163 16.05 -7.14 31.91
CA GLU A 163 14.85 -7.24 32.76
C GLU A 163 13.74 -7.89 31.93
N VAL A 164 13.83 -9.20 31.61
CA VAL A 164 12.84 -9.76 30.64
C VAL A 164 12.23 -11.07 31.12
N VAL A 165 11.01 -11.30 30.66
CA VAL A 165 10.10 -12.44 30.96
C VAL A 165 9.58 -12.32 32.40
N THR A 166 8.30 -12.53 32.57
CA THR A 166 7.63 -12.63 33.89
C THR A 166 8.34 -13.75 34.67
N LEU A 167 8.65 -13.46 35.94
CA LEU A 167 9.60 -14.29 36.77
C LEU A 167 9.32 -15.79 36.65
N TRP A 168 8.06 -16.22 36.82
CA TRP A 168 7.76 -17.68 36.90
C TRP A 168 8.18 -18.37 35.60
N TYR A 169 8.23 -17.62 34.47
CA TYR A 169 8.45 -18.20 33.12
C TYR A 169 9.87 -17.85 32.64
N ARG A 170 10.69 -17.26 33.50
CA ARG A 170 12.04 -16.73 33.13
C ARG A 170 13.13 -17.82 33.13
N ALA A 171 13.90 -17.89 32.05
CA ALA A 171 14.91 -18.93 31.80
C ALA A 171 16.13 -18.73 32.70
N PRO A 172 16.83 -19.82 33.05
CA PRO A 172 17.96 -19.75 33.98
C PRO A 172 19.11 -18.86 33.44
N GLU A 173 19.33 -18.81 32.14
CA GLU A 173 20.42 -17.99 31.57
C GLU A 173 20.13 -16.50 31.79
N ILE A 174 18.86 -16.10 31.96
CA ILE A 174 18.52 -14.69 32.30
C ILE A 174 18.77 -14.51 33.79
N LEU A 175 18.22 -15.41 34.61
CA LEU A 175 18.42 -15.31 36.09
C LEU A 175 19.91 -15.27 36.46
N LEU A 176 20.78 -16.02 35.77
CA LEU A 176 22.22 -16.13 36.10
C LEU A 176 23.04 -15.06 35.37
N GLY A 177 22.38 -14.17 34.60
CA GLY A 177 22.96 -12.96 34.00
C GLY A 177 23.88 -13.28 32.83
N CYS A 178 23.58 -14.26 31.97
CA CYS A 178 24.41 -14.52 30.76
C CYS A 178 24.46 -13.22 29.92
N LYS A 179 25.60 -12.93 29.30
CA LYS A 179 25.76 -11.73 28.43
C LYS A 179 24.76 -11.80 27.26
N TYR A 180 24.49 -13.01 26.78
CA TYR A 180 23.70 -13.29 25.57
C TYR A 180 22.53 -14.20 25.96
N TYR A 181 21.34 -13.87 25.48
CA TYR A 181 20.21 -14.84 25.44
C TYR A 181 19.54 -14.67 24.08
N SER A 182 18.82 -15.70 23.67
CA SER A 182 18.12 -15.70 22.36
C SER A 182 16.85 -16.57 22.46
N THR A 183 16.51 -17.22 21.36
CA THR A 183 15.25 -17.96 21.11
C THR A 183 14.95 -18.95 22.24
N ALA A 184 15.98 -19.57 22.81
CA ALA A 184 15.84 -20.60 23.87
C ALA A 184 15.04 -20.02 25.04
N VAL A 185 15.01 -18.71 25.27
CA VAL A 185 14.26 -18.19 26.46
C VAL A 185 12.76 -18.38 26.22
N ASP A 186 12.31 -18.28 24.97
CA ASP A 186 10.88 -18.48 24.65
C ASP A 186 10.52 -19.94 24.85
N ILE A 187 11.38 -20.85 24.40
CA ILE A 187 11.15 -22.29 24.56
C ILE A 187 11.06 -22.65 26.04
N TRP A 188 11.91 -22.08 26.88
CA TRP A 188 11.84 -22.27 28.35
C TRP A 188 10.43 -21.91 28.82
N SER A 189 9.95 -20.73 28.48
CA SER A 189 8.61 -20.27 28.92
C SER A 189 7.53 -21.27 28.48
N LEU A 190 7.59 -21.77 27.25
CA LEU A 190 6.58 -22.73 26.74
C LEU A 190 6.72 -24.08 27.48
N GLY A 191 7.94 -24.56 27.80
CA GLY A 191 8.14 -25.74 28.65
C GLY A 191 7.40 -25.56 29.97
N CYS A 192 7.55 -24.40 30.60
CA CYS A 192 6.86 -24.09 31.86
C CYS A 192 5.34 -24.15 31.66
N ILE A 193 4.86 -23.62 30.53
CA ILE A 193 3.40 -23.54 30.24
C ILE A 193 2.87 -24.94 29.98
N PHE A 194 3.62 -25.77 29.25
CA PHE A 194 3.29 -27.19 29.00
C PHE A 194 3.04 -27.91 30.34
N ALA A 195 3.96 -27.76 31.28
CA ALA A 195 3.91 -28.43 32.60
C ALA A 195 2.69 -27.91 33.34
N GLU A 196 2.45 -26.62 33.22
CA GLU A 196 1.36 -25.95 33.96
C GLU A 196 -0.01 -26.47 33.44
N MET A 197 -0.15 -26.66 32.14
CA MET A 197 -1.37 -27.24 31.53
C MET A 197 -1.53 -28.68 32.08
N VAL A 198 -0.46 -29.45 32.19
CA VAL A 198 -0.51 -30.88 32.61
C VAL A 198 -0.90 -30.98 34.10
N THR A 199 -0.32 -30.18 34.98
CA THR A 199 -0.38 -30.42 36.45
C THR A 199 -1.39 -29.49 37.05
N ARG A 200 -1.87 -28.52 36.30
CA ARG A 200 -2.85 -27.55 36.81
C ARG A 200 -2.20 -26.59 37.81
N ARG A 201 -0.88 -26.42 37.81
CA ARG A 201 -0.31 -25.30 38.62
C ARG A 201 1.03 -24.89 38.02
N ALA A 202 1.48 -23.69 38.36
CA ALA A 202 2.74 -23.12 37.90
C ALA A 202 3.89 -24.06 38.28
N LEU A 203 4.77 -24.36 37.35
CA LEU A 203 5.91 -25.27 37.60
C LEU A 203 6.89 -24.60 38.59
N PHE A 204 7.19 -23.31 38.46
CA PHE A 204 8.28 -22.63 39.20
C PHE A 204 7.75 -21.30 39.71
N PRO A 205 6.82 -21.29 40.68
CA PRO A 205 6.24 -20.03 41.15
C PRO A 205 7.14 -19.29 42.16
N GLY A 206 8.27 -18.72 41.67
CA GLY A 206 9.24 -17.98 42.51
C GLY A 206 8.66 -16.67 43.06
N ASP A 207 9.12 -16.20 44.22
CA ASP A 207 8.71 -14.85 44.73
C ASP A 207 9.89 -13.88 44.73
N SER A 208 11.03 -14.26 44.14
CA SER A 208 12.23 -13.42 43.96
C SER A 208 13.14 -14.14 42.96
N GLU A 209 14.19 -13.48 42.49
CA GLU A 209 15.10 -14.09 41.48
C GLU A 209 15.79 -15.31 42.10
N ILE A 210 16.22 -15.20 43.35
CA ILE A 210 16.95 -16.31 44.02
C ILE A 210 15.99 -17.46 44.27
N ASP A 211 14.77 -17.18 44.73
CA ASP A 211 13.75 -18.23 44.97
C ASP A 211 13.39 -18.92 43.65
N GLN A 212 13.30 -18.14 42.57
CA GLN A 212 12.99 -18.68 41.24
C GLN A 212 14.10 -19.66 40.84
N LEU A 213 15.37 -19.24 40.94
CA LEU A 213 16.51 -20.14 40.61
C LEU A 213 16.46 -21.42 41.45
N PHE A 214 16.29 -21.27 42.74
CA PHE A 214 16.31 -22.45 43.66
C PHE A 214 15.12 -23.36 43.38
N ARG A 215 13.95 -22.80 43.03
CA ARG A 215 12.83 -23.68 42.63
C ARG A 215 13.22 -24.48 41.41
N ILE A 216 13.90 -23.85 40.46
CA ILE A 216 14.37 -24.58 39.24
C ILE A 216 15.37 -25.67 39.68
N PHE A 217 16.37 -25.31 40.49
CA PHE A 217 17.48 -26.24 40.91
C PHE A 217 16.90 -27.44 41.67
N ARG A 218 15.90 -27.18 42.52
CA ARG A 218 15.28 -28.26 43.33
C ARG A 218 14.57 -29.27 42.45
N THR A 219 14.05 -28.85 41.29
CA THR A 219 13.30 -29.75 40.38
C THR A 219 14.28 -30.38 39.40
N LEU A 220 15.13 -29.60 38.77
CA LEU A 220 15.94 -30.12 37.63
C LEU A 220 17.36 -30.48 38.06
N GLY A 221 17.69 -30.24 39.33
CA GLY A 221 19.05 -30.43 39.83
C GLY A 221 19.87 -29.15 39.69
N THR A 222 20.72 -28.83 40.65
CA THR A 222 21.64 -27.69 40.54
C THR A 222 22.57 -27.98 39.38
N PRO A 223 22.62 -27.09 38.34
CA PRO A 223 23.45 -27.36 37.17
C PRO A 223 24.95 -27.32 37.52
N ASP A 224 25.74 -28.11 36.82
CA ASP A 224 27.20 -28.15 36.99
C ASP A 224 27.84 -28.03 35.60
N GLU A 225 29.17 -28.09 35.54
CA GLU A 225 29.94 -27.81 34.31
C GLU A 225 29.68 -28.92 33.29
N VAL A 226 29.24 -30.10 33.71
CA VAL A 226 28.94 -31.21 32.75
C VAL A 226 27.58 -30.94 32.08
N VAL A 227 26.57 -30.65 32.88
CA VAL A 227 25.19 -30.33 32.41
C VAL A 227 25.27 -29.05 31.56
N TRP A 228 25.98 -28.03 32.03
CA TRP A 228 25.93 -26.68 31.40
C TRP A 228 27.31 -26.03 31.44
N PRO A 229 28.16 -26.33 30.43
CA PRO A 229 29.51 -25.78 30.40
C PRO A 229 29.48 -24.25 30.49
N GLY A 230 30.25 -23.67 31.41
CA GLY A 230 30.27 -22.22 31.63
C GLY A 230 29.42 -21.80 32.80
N VAL A 231 28.51 -22.63 33.29
CA VAL A 231 27.53 -22.14 34.30
C VAL A 231 28.25 -21.57 35.54
N THR A 232 29.34 -22.20 36.03
CA THR A 232 29.99 -21.80 37.32
C THR A 232 30.78 -20.48 37.11
N SER A 233 30.90 -19.98 35.88
CA SER A 233 31.53 -18.67 35.54
C SER A 233 30.51 -17.55 35.33
N MET A 234 29.22 -17.84 35.39
CA MET A 234 28.20 -16.84 34.98
C MET A 234 28.13 -15.75 36.03
N PRO A 235 27.81 -14.50 35.63
CA PRO A 235 27.87 -13.36 36.54
C PRO A 235 27.16 -13.57 37.86
N ASP A 236 25.98 -14.20 37.88
CA ASP A 236 25.20 -14.25 39.15
C ASP A 236 25.24 -15.67 39.72
N TYR A 237 26.08 -16.55 39.18
CA TYR A 237 26.32 -17.90 39.76
C TYR A 237 27.12 -17.73 41.03
N LYS A 238 26.79 -18.46 42.09
CA LYS A 238 27.53 -18.46 43.38
C LYS A 238 27.90 -19.88 43.72
N PRO A 239 29.18 -20.20 43.97
CA PRO A 239 29.57 -21.57 44.33
C PRO A 239 28.91 -22.00 45.65
N SER A 240 28.31 -21.10 46.43
CA SER A 240 27.60 -21.47 47.67
C SER A 240 26.20 -22.05 47.40
N PHE A 241 25.69 -21.98 46.16
CA PHE A 241 24.33 -22.49 45.88
C PHE A 241 24.21 -23.93 46.35
N PRO A 242 23.12 -24.32 47.02
CA PRO A 242 22.94 -25.72 47.33
C PRO A 242 22.96 -26.61 46.08
N LYS A 243 23.50 -27.82 46.23
CA LYS A 243 23.57 -28.83 45.15
C LYS A 243 22.40 -29.82 45.32
N TRP A 244 21.25 -29.55 44.70
CA TRP A 244 20.09 -30.46 44.74
C TRP A 244 20.19 -31.47 43.61
N ALA A 245 19.69 -32.68 43.84
CA ALA A 245 19.62 -33.72 42.78
C ALA A 245 18.36 -33.48 41.94
N ARG A 246 18.40 -34.00 40.71
CA ARG A 246 17.25 -33.83 39.78
C ARG A 246 16.11 -34.77 40.18
N GLN A 247 14.88 -34.26 40.22
CA GLN A 247 13.68 -35.09 40.49
C GLN A 247 13.29 -35.87 39.21
N ASP A 248 12.66 -37.03 39.41
CA ASP A 248 12.16 -37.93 38.35
C ASP A 248 10.92 -37.27 37.75
N PHE A 249 10.81 -37.22 36.42
CA PHE A 249 9.68 -36.50 35.78
C PHE A 249 8.36 -37.21 36.11
N SER A 250 8.41 -38.49 36.49
CA SER A 250 7.22 -39.23 36.99
C SER A 250 6.62 -38.50 38.21
N LYS A 251 7.44 -37.77 38.98
CA LYS A 251 6.94 -36.95 40.13
C LYS A 251 6.61 -35.53 39.67
N VAL A 252 7.40 -34.95 38.77
CA VAL A 252 7.21 -33.54 38.31
C VAL A 252 5.92 -33.42 37.48
N VAL A 253 5.73 -34.30 36.50
CA VAL A 253 4.55 -34.29 35.60
C VAL A 253 3.96 -35.69 35.54
N PRO A 254 3.32 -36.14 36.64
CA PRO A 254 2.80 -37.51 36.74
C PRO A 254 1.91 -37.91 35.58
N PRO A 255 0.92 -37.11 35.15
CA PRO A 255 0.03 -37.52 34.07
C PRO A 255 0.67 -37.69 32.69
N LEU A 256 1.96 -37.36 32.50
CA LEU A 256 2.57 -37.22 31.15
C LEU A 256 3.22 -38.53 30.73
N ASP A 257 3.03 -38.94 29.48
CA ASP A 257 3.60 -40.19 28.92
C ASP A 257 5.10 -40.03 28.63
N GLU A 258 5.75 -41.08 28.14
CA GLU A 258 7.19 -41.10 27.86
C GLU A 258 7.53 -39.97 26.85
N ASP A 259 6.76 -39.84 25.79
CA ASP A 259 7.00 -38.83 24.72
C ASP A 259 6.86 -37.42 25.32
N GLY A 260 5.79 -37.19 26.11
CA GLY A 260 5.56 -35.91 26.81
C GLY A 260 6.73 -35.54 27.68
N ARG A 261 7.24 -36.51 28.45
CA ARG A 261 8.35 -36.29 29.39
C ARG A 261 9.60 -35.98 28.55
N SER A 262 9.84 -36.70 27.47
CA SER A 262 11.04 -36.50 26.61
C SER A 262 10.99 -35.04 26.10
N LEU A 263 9.85 -34.61 25.58
CA LEU A 263 9.74 -33.23 24.99
C LEU A 263 9.93 -32.18 26.09
N LEU A 264 9.30 -32.36 27.24
CA LEU A 264 9.37 -31.36 28.31
C LEU A 264 10.83 -31.24 28.76
N SER A 265 11.54 -32.37 28.86
CA SER A 265 12.92 -32.36 29.39
C SER A 265 13.80 -31.58 28.39
N GLN A 266 13.52 -31.71 27.10
CA GLN A 266 14.29 -31.02 26.03
C GLN A 266 13.97 -29.52 25.99
N MET A 267 12.77 -29.12 26.37
CA MET A 267 12.36 -27.71 26.45
C MET A 267 12.93 -27.07 27.71
N LEU A 268 13.27 -27.87 28.74
CA LEU A 268 13.84 -27.33 30.00
C LEU A 268 15.33 -27.70 30.16
N HIS A 269 16.06 -28.04 29.10
CA HIS A 269 17.53 -28.23 29.17
CA HIS A 269 17.53 -28.23 29.16
C HIS A 269 18.13 -26.95 29.72
N TYR A 270 19.07 -27.08 30.67
CA TYR A 270 19.76 -25.91 31.26
C TYR A 270 20.53 -25.15 30.18
N ASP A 271 21.30 -25.86 29.37
CA ASP A 271 22.21 -25.25 28.35
C ASP A 271 21.37 -24.70 27.19
N PRO A 272 21.25 -23.36 27.00
CA PRO A 272 20.43 -22.80 25.94
C PRO A 272 20.85 -23.35 24.57
N ASN A 273 22.12 -23.72 24.38
CA ASN A 273 22.65 -24.25 23.10
C ASN A 273 22.11 -25.64 22.84
N LYS A 274 21.66 -26.37 23.87
CA LYS A 274 21.13 -27.75 23.69
C LYS A 274 19.62 -27.75 23.83
N ARG A 275 19.01 -26.73 24.41
CA ARG A 275 17.54 -26.69 24.55
C ARG A 275 16.92 -26.82 23.16
N ILE A 276 15.86 -27.61 23.03
CA ILE A 276 15.22 -27.88 21.71
C ILE A 276 14.69 -26.56 21.12
N SER A 277 14.73 -26.44 19.80
CA SER A 277 14.17 -25.29 19.05
C SER A 277 12.67 -25.51 18.87
N ALA A 278 11.91 -24.45 18.54
CA ALA A 278 10.46 -24.58 18.22
C ALA A 278 10.31 -25.52 17.04
N LYS A 279 11.16 -25.38 16.03
CA LYS A 279 11.04 -26.20 14.80
C LYS A 279 11.30 -27.68 15.12
N ALA A 280 12.32 -28.00 15.92
CA ALA A 280 12.62 -29.40 16.27
C ALA A 280 11.52 -29.95 17.17
N ALA A 281 10.93 -29.14 18.04
CA ALA A 281 9.87 -29.58 18.97
C ALA A 281 8.65 -30.06 18.17
N LEU A 282 8.32 -29.35 17.10
CA LEU A 282 7.21 -29.70 16.20
C LEU A 282 7.41 -31.09 15.59
N ALA A 283 8.65 -31.55 15.40
CA ALA A 283 8.95 -32.87 14.81
C ALA A 283 9.00 -33.97 15.89
N HIS A 284 8.82 -33.65 17.18
CA HIS A 284 8.99 -34.65 18.26
C HIS A 284 7.86 -35.69 18.17
N PRO A 285 8.12 -36.96 18.52
CA PRO A 285 7.10 -38.02 18.45
C PRO A 285 5.86 -37.77 19.31
N PHE A 286 5.96 -36.94 20.33
CA PHE A 286 4.79 -36.50 21.13
C PHE A 286 3.67 -36.02 20.20
N PHE A 287 4.00 -35.36 19.08
CA PHE A 287 2.96 -34.74 18.19
C PHE A 287 2.49 -35.67 17.08
N GLN A 288 2.90 -36.92 17.06
CA GLN A 288 2.54 -37.87 15.95
C GLN A 288 1.00 -37.95 15.82
N ASP A 289 0.21 -37.91 16.90
CA ASP A 289 -1.25 -38.12 16.72
C ASP A 289 -2.03 -36.82 16.95
N VAL A 290 -1.42 -35.65 16.75
CA VAL A 290 -2.05 -34.38 17.18
C VAL A 290 -3.35 -34.15 16.38
N THR A 291 -4.36 -33.67 17.08
CA THR A 291 -5.72 -33.32 16.56
C THR A 291 -6.00 -31.89 17.02
N LYS A 292 -7.16 -31.37 16.69
CA LYS A 292 -7.59 -30.01 17.04
C LYS A 292 -8.97 -30.09 17.72
N PRO A 293 -9.05 -30.55 18.99
CA PRO A 293 -10.31 -30.59 19.72
C PRO A 293 -10.81 -29.17 19.98
N VAL A 294 -12.09 -29.05 20.33
CA VAL A 294 -12.72 -27.75 20.71
C VAL A 294 -12.83 -27.69 22.25
N PRO A 295 -12.32 -26.64 22.91
CA PRO A 295 -12.39 -26.56 24.37
C PRO A 295 -13.85 -26.60 24.88
N VAL B 1 24.65 -24.97 13.34
CA VAL B 1 24.00 -23.62 13.16
C VAL B 1 22.55 -23.73 13.59
N PRO B 2 22.00 -22.77 14.37
CA PRO B 2 20.57 -22.79 14.67
C PRO B 2 19.75 -23.02 13.39
N ASP B 3 18.65 -23.76 13.56
CA ASP B 3 17.81 -24.25 12.44
C ASP B 3 16.88 -23.12 11.91
N TYR B 4 17.02 -21.87 12.40
CA TYR B 4 16.27 -20.69 11.87
C TYR B 4 17.21 -19.65 11.23
N HIS B 5 18.54 -19.87 11.19
CA HIS B 5 19.52 -18.96 10.56
C HIS B 5 19.19 -18.82 9.07
N GLU B 6 18.94 -19.94 8.38
CA GLU B 6 18.65 -19.92 6.94
C GLU B 6 17.32 -19.22 6.73
N ASP B 7 16.31 -19.53 7.54
CA ASP B 7 14.98 -18.92 7.38
C ASP B 7 15.14 -17.40 7.52
N ILE B 8 15.87 -16.94 8.54
CA ILE B 8 16.03 -15.47 8.79
C ILE B 8 16.71 -14.85 7.56
N HIS B 9 17.77 -15.48 7.04
CA HIS B 9 18.51 -14.93 5.89
C HIS B 9 17.54 -14.80 4.72
N THR B 10 16.79 -15.87 4.39
CA THR B 10 15.80 -15.86 3.28
C THR B 10 14.80 -14.72 3.51
N TYR B 11 14.30 -14.54 4.73
CA TYR B 11 13.29 -13.49 5.06
C TYR B 11 13.92 -12.09 4.89
N LEU B 12 15.15 -11.89 5.37
CA LEU B 12 15.83 -10.57 5.27
C LEU B 12 16.08 -10.23 3.79
N ARG B 13 16.40 -11.23 2.98
CA ARG B 13 16.57 -11.05 1.53
C ARG B 13 15.26 -10.61 0.88
N GLU B 14 14.10 -11.17 1.28
CA GLU B 14 12.80 -10.66 0.80
C GLU B 14 12.56 -9.23 1.30
N MET B 15 12.75 -8.97 2.58
CA MET B 15 12.39 -7.66 3.16
C MET B 15 13.30 -6.53 2.65
N GLU B 16 14.56 -6.80 2.28
CA GLU B 16 15.47 -5.70 1.88
C GLU B 16 14.92 -5.14 0.56
N VAL B 17 14.28 -5.98 -0.27
CA VAL B 17 13.71 -5.53 -1.55
C VAL B 17 12.48 -4.67 -1.24
N LYS B 18 11.68 -5.03 -0.26
CA LYS B 18 10.46 -4.29 0.12
C LYS B 18 10.77 -2.99 0.88
N CYS B 19 11.88 -2.89 1.62
CA CYS B 19 12.24 -1.73 2.47
C CYS B 19 13.17 -0.75 1.70
N LYS B 20 13.51 -1.07 0.45
CA LYS B 20 14.45 -0.29 -0.39
C LYS B 20 13.84 1.09 -0.64
N PRO B 21 14.54 2.21 -0.44
CA PRO B 21 14.05 3.50 -0.92
C PRO B 21 14.05 3.60 -2.47
N LYS B 22 13.41 4.64 -3.00
CA LYS B 22 13.39 4.90 -4.47
C LYS B 22 14.76 5.41 -4.89
N VAL B 23 15.42 4.69 -5.79
CA VAL B 23 16.85 4.91 -6.17
C VAL B 23 17.05 6.37 -6.62
N GLY B 24 16.16 6.95 -7.43
CA GLY B 24 16.35 8.31 -8.00
C GLY B 24 15.67 9.42 -7.22
N TYR B 25 15.38 9.26 -5.93
CA TYR B 25 14.47 10.20 -5.25
C TYR B 25 15.08 11.61 -5.19
N MET B 26 16.39 11.74 -5.06
CA MET B 26 17.03 13.03 -4.76
C MET B 26 16.84 13.99 -5.97
N LYS B 27 16.79 13.48 -7.19
CA LYS B 27 16.52 14.29 -8.41
C LYS B 27 15.14 14.94 -8.32
N LYS B 28 14.19 14.39 -7.57
CA LYS B 28 12.81 14.95 -7.47
C LYS B 28 12.67 15.82 -6.22
N GLN B 29 13.70 15.88 -5.38
CA GLN B 29 13.66 16.77 -4.21
C GLN B 29 14.02 18.15 -4.72
N PRO B 30 13.14 19.16 -4.62
CA PRO B 30 13.46 20.46 -5.20
C PRO B 30 14.61 21.18 -4.45
N ASP B 31 14.74 20.99 -3.13
CA ASP B 31 15.55 21.87 -2.25
C ASP B 31 16.77 21.18 -1.61
N ILE B 32 16.85 19.84 -1.56
CA ILE B 32 17.98 19.17 -0.89
C ILE B 32 18.76 18.37 -1.93
N THR B 33 20.00 18.02 -1.61
CA THR B 33 20.96 17.36 -2.51
C THR B 33 21.61 16.14 -1.82
N ASN B 34 22.30 15.32 -2.59
CA ASN B 34 23.18 14.25 -2.06
C ASN B 34 24.15 14.81 -1.02
N SER B 35 24.66 16.02 -1.22
CA SER B 35 25.69 16.61 -0.36
C SER B 35 25.06 16.97 0.98
N MET B 36 23.84 17.50 1.00
CA MET B 36 23.18 17.83 2.27
C MET B 36 22.85 16.53 3.02
N ARG B 37 22.50 15.46 2.28
CA ARG B 37 22.24 14.14 2.90
C ARG B 37 23.55 13.64 3.55
N ALA B 38 24.68 13.68 2.83
CA ALA B 38 26.01 13.26 3.33
C ALA B 38 26.30 13.97 4.64
N ILE B 39 26.07 15.28 4.70
CA ILE B 39 26.30 16.11 5.90
C ILE B 39 25.41 15.60 7.04
N LEU B 40 24.13 15.31 6.76
CA LEU B 40 23.18 14.82 7.79
C LEU B 40 23.67 13.45 8.32
N VAL B 41 24.07 12.54 7.43
CA VAL B 41 24.45 11.16 7.84
C VAL B 41 25.74 11.21 8.68
N ASP B 42 26.71 12.00 8.23
CA ASP B 42 27.97 12.21 8.96
C ASP B 42 27.65 12.77 10.33
N TRP B 43 26.70 13.69 10.44
CA TRP B 43 26.28 14.23 11.75
C TRP B 43 25.67 13.12 12.62
N LEU B 44 24.85 12.25 12.04
CA LEU B 44 24.21 11.16 12.85
C LEU B 44 25.30 10.18 13.35
N VAL B 45 26.36 9.95 12.58
CA VAL B 45 27.51 9.12 13.03
C VAL B 45 28.03 9.73 14.33
N GLU B 46 28.19 11.05 14.37
CA GLU B 46 28.72 11.76 15.55
C GLU B 46 27.73 11.66 16.70
N VAL B 47 26.44 11.82 16.44
CA VAL B 47 25.40 11.70 17.50
C VAL B 47 25.49 10.27 18.11
N GLY B 48 25.61 9.27 17.25
CA GLY B 48 25.72 7.88 17.70
C GLY B 48 26.93 7.70 18.62
N GLU B 49 28.09 8.28 18.28
CA GLU B 49 29.31 8.23 19.14
C GLU B 49 29.06 8.93 20.46
N GLU B 50 28.52 10.13 20.43
CA GLU B 50 28.22 10.93 21.64
C GLU B 50 27.30 10.12 22.57
N TYR B 51 26.28 9.41 22.06
CA TYR B 51 25.33 8.70 22.92
C TYR B 51 25.70 7.21 23.01
N LYS B 52 26.84 6.79 22.46
CA LYS B 52 27.27 5.36 22.51
C LYS B 52 26.12 4.47 22.02
N LEU B 53 25.54 4.80 20.87
CA LEU B 53 24.46 4.03 20.22
C LEU B 53 25.11 2.97 19.35
N GLN B 54 24.35 1.91 19.09
CA GLN B 54 24.78 0.79 18.24
C GLN B 54 24.95 1.23 16.81
N ASN B 55 25.83 0.55 16.08
CA ASN B 55 25.91 0.76 14.63
C ASN B 55 24.55 0.48 13.97
N GLU B 56 23.83 -0.55 14.43
CA GLU B 56 22.54 -0.92 13.84
C GLU B 56 21.59 0.29 13.89
N THR B 57 21.55 1.03 15.01
CA THR B 57 20.64 2.19 15.19
C THR B 57 20.92 3.24 14.10
N LEU B 58 22.19 3.50 13.81
CA LEU B 58 22.58 4.43 12.73
C LEU B 58 22.09 3.89 11.39
N HIS B 59 22.36 2.63 11.06
CA HIS B 59 21.92 2.03 9.79
C HIS B 59 20.38 2.14 9.63
N LEU B 60 19.64 1.85 10.68
CA LEU B 60 18.14 1.93 10.65
C LEU B 60 17.72 3.38 10.36
N ALA B 61 18.32 4.36 11.05
CA ALA B 61 17.96 5.78 10.93
C ALA B 61 18.14 6.20 9.46
N VAL B 62 19.20 5.75 8.81
CA VAL B 62 19.47 6.10 7.39
C VAL B 62 18.41 5.45 6.51
N ASN B 63 18.04 4.20 6.76
CA ASN B 63 16.96 3.53 6.01
C ASN B 63 15.68 4.37 6.16
N TYR B 64 15.36 4.83 7.36
CA TYR B 64 14.11 5.59 7.61
C TYR B 64 14.15 6.93 6.86
N ILE B 65 15.28 7.63 6.90
CA ILE B 65 15.46 8.91 6.19
C ILE B 65 15.26 8.72 4.69
N ASP B 66 16.00 7.81 4.06
CA ASP B 66 15.88 7.58 2.61
C ASP B 66 14.44 7.19 2.21
N ARG B 67 13.77 6.39 3.03
CA ARG B 67 12.37 5.99 2.73
C ARG B 67 11.44 7.21 2.88
N PHE B 68 11.65 8.04 3.90
CA PHE B 68 10.81 9.24 4.09
C PHE B 68 11.00 10.19 2.90
N LEU B 69 12.24 10.46 2.50
CA LEU B 69 12.58 11.42 1.40
C LEU B 69 12.15 10.85 0.05
N SER B 70 11.88 9.53 -0.03
CA SER B 70 11.35 8.86 -1.22
C SER B 70 9.92 9.34 -1.49
N SER B 71 9.17 9.83 -0.52
CA SER B 71 7.78 10.22 -0.85
C SER B 71 7.43 11.61 -0.34
N MET B 72 8.31 12.29 0.40
CA MET B 72 7.97 13.60 1.02
C MET B 72 9.03 14.61 0.62
N SER B 73 8.60 15.69 -0.04
CA SER B 73 9.48 16.85 -0.29
C SER B 73 9.83 17.51 1.04
N VAL B 74 11.11 17.79 1.23
CA VAL B 74 11.60 18.43 2.47
C VAL B 74 12.52 19.61 2.12
N LEU B 75 12.28 20.77 2.71
CA LEU B 75 13.18 21.93 2.53
C LEU B 75 14.45 21.72 3.39
N ARG B 76 15.57 22.32 2.98
CA ARG B 76 16.88 22.12 3.63
C ARG B 76 16.81 22.45 5.13
N GLY B 77 16.02 23.44 5.53
CA GLY B 77 15.90 23.84 6.95
C GLY B 77 15.24 22.77 7.82
N LYS B 78 14.61 21.78 7.21
CA LYS B 78 13.84 20.76 7.96
C LYS B 78 14.53 19.39 7.83
N LEU B 79 15.59 19.27 7.03
CA LEU B 79 16.22 17.95 6.79
C LEU B 79 16.76 17.40 8.13
N GLN B 80 17.36 18.26 8.95
CA GLN B 80 17.89 17.85 10.26
C GLN B 80 16.74 17.40 11.19
N LEU B 81 15.53 17.95 11.07
CA LEU B 81 14.38 17.53 11.90
C LEU B 81 13.97 16.11 11.49
N VAL B 82 13.97 15.81 10.19
CA VAL B 82 13.67 14.44 9.71
C VAL B 82 14.73 13.48 10.29
N GLY B 83 16.00 13.83 10.17
CA GLY B 83 17.10 12.99 10.68
C GLY B 83 17.01 12.72 12.16
N THR B 84 16.70 13.72 12.97
CA THR B 84 16.58 13.65 14.43
C THR B 84 15.41 12.72 14.80
N ALA B 85 14.25 12.87 14.18
CA ALA B 85 13.09 11.99 14.43
C ALA B 85 13.47 10.56 14.02
N ALA B 86 14.18 10.40 12.91
CA ALA B 86 14.56 9.07 12.43
C ALA B 86 15.45 8.39 13.48
N MET B 87 16.41 9.14 14.02
CA MET B 87 17.40 8.59 15.01
C MET B 87 16.68 8.28 16.31
N LEU B 88 15.70 9.10 16.73
CA LEU B 88 14.87 8.84 17.92
C LEU B 88 14.08 7.52 17.71
N LEU B 89 13.47 7.33 16.55
CA LEU B 89 12.67 6.13 16.28
C LEU B 89 13.60 4.89 16.20
N ALA B 90 14.73 5.01 15.51
CA ALA B 90 15.73 3.93 15.40
C ALA B 90 16.18 3.54 16.81
N SER B 91 16.41 4.53 17.68
CA SER B 91 16.84 4.30 19.08
C SER B 91 15.77 3.56 19.88
N LYS B 92 14.51 3.98 19.80
CA LYS B 92 13.38 3.33 20.50
C LYS B 92 13.23 1.90 20.00
N PHE B 93 13.45 1.67 18.73
CA PHE B 93 13.32 0.31 18.19
C PHE B 93 14.48 -0.56 18.69
N GLU B 94 15.71 -0.07 18.60
CA GLU B 94 16.91 -0.94 18.62
C GLU B 94 17.64 -0.89 19.97
N GLU B 95 17.52 0.18 20.75
CA GLU B 95 18.43 0.45 21.90
C GLU B 95 17.77 -0.02 23.19
N ILE B 96 18.59 -0.58 24.06
CA ILE B 96 18.14 -0.91 25.43
C ILE B 96 17.77 0.39 26.13
N TYR B 97 18.63 1.42 26.03
CA TYR B 97 18.38 2.72 26.72
C TYR B 97 18.39 3.83 25.68
N PRO B 98 17.27 4.08 24.99
CA PRO B 98 17.27 5.16 23.99
C PRO B 98 17.44 6.51 24.65
N PRO B 99 18.15 7.49 24.04
CA PRO B 99 18.22 8.83 24.59
C PRO B 99 16.81 9.43 24.67
N GLU B 100 16.64 10.31 25.65
CA GLU B 100 15.31 10.95 25.83
C GLU B 100 15.14 12.06 24.78
N VAL B 101 13.90 12.42 24.49
CA VAL B 101 13.59 13.44 23.46
C VAL B 101 14.36 14.74 23.76
N ALA B 102 14.44 15.14 25.04
CA ALA B 102 15.12 16.40 25.46
C ALA B 102 16.58 16.35 25.06
N GLU B 103 17.18 15.17 25.00
CA GLU B 103 18.59 14.99 24.55
C GLU B 103 18.67 15.13 23.03
N PHE B 104 17.70 14.60 22.31
CA PHE B 104 17.67 14.81 20.84
C PHE B 104 17.48 16.32 20.56
N VAL B 105 16.68 17.02 21.37
CA VAL B 105 16.55 18.51 21.18
C VAL B 105 17.90 19.20 21.42
N TYR B 106 18.55 18.86 22.53
CA TYR B 106 19.88 19.41 22.90
C TYR B 106 20.90 19.20 21.79
N ILE B 107 20.89 18.04 21.17
CA ILE B 107 21.95 17.68 20.18
C ILE B 107 21.71 18.44 18.85
N THR B 108 20.53 19.01 18.63
CA THR B 108 20.26 19.97 17.52
C THR B 108 20.55 21.42 17.92
N ASP B 109 21.07 21.63 19.14
CA ASP B 109 21.37 22.96 19.72
C ASP B 109 20.11 23.82 19.67
N ASP B 110 18.94 23.28 20.04
CA ASP B 110 17.65 24.01 20.03
C ASP B 110 17.34 24.57 18.62
N THR B 111 17.82 23.96 17.54
CA THR B 111 17.31 24.31 16.17
C THR B 111 15.81 24.03 16.10
N TYR B 112 15.33 22.97 16.77
CA TYR B 112 13.92 22.53 16.81
C TYR B 112 13.46 22.44 18.26
N THR B 113 12.14 22.51 18.48
CA THR B 113 11.50 22.32 19.79
C THR B 113 11.21 20.83 20.00
N LYS B 114 10.92 20.47 21.24
CA LYS B 114 10.40 19.15 21.63
C LYS B 114 9.15 18.83 20.81
N LYS B 115 8.20 19.76 20.77
CA LYS B 115 6.93 19.61 20.01
C LYS B 115 7.24 19.26 18.56
N GLN B 116 8.12 20.01 17.90
CA GLN B 116 8.55 19.71 16.52
C GLN B 116 9.11 18.29 16.40
N VAL B 117 9.95 17.87 17.34
CA VAL B 117 10.58 16.52 17.21
C VAL B 117 9.49 15.45 17.35
N LEU B 118 8.57 15.61 18.29
CA LEU B 118 7.48 14.63 18.57
C LEU B 118 6.46 14.62 17.42
N ARG B 119 6.18 15.78 16.81
CA ARG B 119 5.28 15.83 15.64
C ARG B 119 5.95 15.19 14.44
N MET B 120 7.25 15.36 14.30
CA MET B 120 7.97 14.74 13.17
C MET B 120 8.01 13.23 13.40
N GLU B 121 8.17 12.77 14.63
CA GLU B 121 8.13 11.33 14.95
C GLU B 121 6.80 10.73 14.43
N HIS B 122 5.67 11.35 14.77
CA HIS B 122 4.32 10.91 14.32
CA HIS B 122 4.32 10.91 14.32
C HIS B 122 4.30 10.87 12.78
N LEU B 123 4.80 11.92 12.13
CA LEU B 123 4.76 11.98 10.66
C LEU B 123 5.63 10.90 10.04
N VAL B 124 6.83 10.67 10.58
CA VAL B 124 7.73 9.61 10.04
C VAL B 124 7.02 8.25 10.17
N LEU B 125 6.42 8.00 11.31
CA LEU B 125 5.70 6.73 11.58
C LEU B 125 4.56 6.55 10.57
N LYS B 126 3.85 7.65 10.28
CA LYS B 126 2.72 7.64 9.32
C LYS B 126 3.26 7.33 7.93
N VAL B 127 4.32 8.01 7.51
CA VAL B 127 4.84 7.88 6.14
C VAL B 127 5.42 6.49 5.97
N LEU B 128 6.07 5.96 7.00
CA LEU B 128 6.70 4.61 6.91
C LEU B 128 5.65 3.54 7.27
N THR B 129 4.39 3.90 7.54
CA THR B 129 3.32 2.97 7.98
C THR B 129 3.87 2.02 9.06
N PHE B 130 4.61 2.57 10.03
CA PHE B 130 5.15 1.82 11.20
C PHE B 130 6.01 0.64 10.78
N ASP B 131 6.50 0.57 9.55
CA ASP B 131 7.34 -0.55 9.09
C ASP B 131 8.82 -0.20 9.42
N LEU B 132 9.24 -0.45 10.66
CA LEU B 132 10.57 -0.01 11.15
C LEU B 132 11.58 -1.15 11.14
N ALA B 133 11.16 -2.40 10.96
CA ALA B 133 12.06 -3.55 11.15
C ALA B 133 12.79 -3.82 9.84
N ALA B 134 13.58 -2.85 9.38
CA ALA B 134 14.21 -2.91 8.06
C ALA B 134 15.51 -3.68 8.15
N PRO B 135 15.84 -4.50 7.13
CA PRO B 135 17.17 -5.08 7.04
C PRO B 135 18.21 -3.98 6.75
N THR B 136 19.41 -4.15 7.29
CA THR B 136 20.53 -3.18 7.19
C THR B 136 21.77 -3.91 6.65
N VAL B 137 22.73 -3.14 6.17
CA VAL B 137 24.07 -3.67 5.81
C VAL B 137 24.59 -4.44 7.03
N ASN B 138 24.42 -3.88 8.21
CA ASN B 138 24.94 -4.38 9.49
C ASN B 138 24.39 -5.78 9.74
N GLN B 139 23.09 -6.00 9.55
CA GLN B 139 22.44 -7.29 9.80
C GLN B 139 23.01 -8.33 8.85
N PHE B 140 23.33 -7.99 7.62
CA PHE B 140 23.98 -8.95 6.69
C PHE B 140 25.45 -9.17 7.09
N LEU B 141 26.17 -8.12 7.42
CA LEU B 141 27.58 -8.26 7.85
C LEU B 141 27.69 -9.25 9.03
N THR B 142 26.90 -9.10 10.10
CA THR B 142 27.08 -9.96 11.28
C THR B 142 26.81 -11.42 10.91
N GLN B 143 25.89 -11.69 10.00
CA GLN B 143 25.68 -13.07 9.51
C GLN B 143 26.90 -13.53 8.71
N TYR B 144 27.44 -12.68 7.86
CA TYR B 144 28.59 -13.06 7.00
C TYR B 144 29.82 -13.33 7.89
N PHE B 145 29.98 -12.62 9.00
CA PHE B 145 31.13 -12.80 9.93
C PHE B 145 31.16 -14.25 10.46
N LEU B 146 30.04 -14.93 10.56
CA LEU B 146 30.05 -16.32 11.07
C LEU B 146 30.77 -17.26 10.08
N HIS B 147 31.04 -16.85 8.85
CA HIS B 147 31.69 -17.72 7.83
C HIS B 147 33.20 -17.51 7.74
N GLN B 148 33.78 -16.79 8.69
CA GLN B 148 35.23 -16.48 8.65
C GLN B 148 36.01 -17.75 9.01
N GLN B 149 37.09 -18.05 8.29
CA GLN B 149 37.96 -19.23 8.52
CA GLN B 149 37.95 -19.23 8.59
C GLN B 149 39.41 -18.76 8.73
N PRO B 150 39.85 -18.27 9.93
CA PRO B 150 39.03 -18.09 11.14
C PRO B 150 38.60 -16.63 11.41
N ALA B 151 37.89 -16.36 12.52
CA ALA B 151 37.35 -15.02 12.89
C ALA B 151 38.53 -14.07 13.14
N ASN B 152 38.45 -12.85 12.61
CA ASN B 152 39.57 -11.88 12.62
C ASN B 152 38.94 -10.52 12.95
N CYS B 153 39.24 -9.97 14.12
CA CYS B 153 38.63 -8.74 14.67
C CYS B 153 38.90 -7.56 13.73
N LYS B 154 40.05 -7.53 13.09
CA LYS B 154 40.40 -6.44 12.14
C LYS B 154 39.49 -6.53 10.91
N VAL B 155 39.31 -7.74 10.36
CA VAL B 155 38.40 -7.96 9.20
C VAL B 155 37.00 -7.47 9.61
N GLU B 156 36.53 -7.81 10.80
CA GLU B 156 35.15 -7.44 11.21
C GLU B 156 35.06 -5.91 11.31
N SER B 157 35.97 -5.28 12.04
CA SER B 157 36.04 -3.80 12.20
C SER B 157 36.13 -3.10 10.83
N LEU B 158 36.93 -3.61 9.91
CA LEU B 158 37.14 -2.95 8.60
C LEU B 158 35.88 -3.12 7.75
N ALA B 159 35.25 -4.29 7.75
CA ALA B 159 33.99 -4.52 7.00
C ALA B 159 32.91 -3.57 7.54
N MET B 160 32.82 -3.38 8.86
CA MET B 160 31.84 -2.44 9.46
CA MET B 160 31.84 -2.44 9.46
C MET B 160 32.15 -1.01 8.99
N PHE B 161 33.42 -0.63 9.05
CA PHE B 161 33.89 0.72 8.61
C PHE B 161 33.42 0.95 7.19
N LEU B 162 33.71 0.00 6.29
CA LEU B 162 33.39 0.14 4.87
C LEU B 162 31.86 0.23 4.68
N GLY B 163 31.12 -0.64 5.35
CA GLY B 163 29.65 -0.61 5.24
C GLY B 163 29.11 0.73 5.71
N GLU B 164 29.74 1.31 6.72
CA GLU B 164 29.31 2.63 7.25
C GLU B 164 29.62 3.76 6.23
N LEU B 165 30.78 3.74 5.59
CA LEU B 165 31.11 4.78 4.56
C LEU B 165 30.03 4.78 3.47
N SER B 166 29.46 3.62 3.12
CA SER B 166 28.42 3.48 2.07
C SER B 166 27.19 4.32 2.44
N LEU B 167 26.89 4.50 3.72
CA LEU B 167 25.71 5.26 4.18
C LEU B 167 25.81 6.73 3.74
N ILE B 168 27.02 7.27 3.60
CA ILE B 168 27.25 8.72 3.42
C ILE B 168 26.83 9.15 2.00
N ASP B 169 27.11 8.32 1.01
CA ASP B 169 27.05 8.68 -0.43
C ASP B 169 25.89 7.95 -1.11
N ALA B 170 24.74 8.62 -1.20
CA ALA B 170 23.52 8.12 -1.87
C ALA B 170 23.86 7.75 -3.32
N ASP B 171 24.72 8.53 -3.95
CA ASP B 171 25.34 8.16 -5.24
C ASP B 171 26.73 7.68 -4.93
N PRO B 172 27.10 6.39 -5.12
CA PRO B 172 26.26 5.42 -5.81
C PRO B 172 25.48 4.39 -4.97
N TYR B 173 25.54 4.44 -3.64
CA TYR B 173 25.17 3.25 -2.80
C TYR B 173 23.66 2.93 -2.79
N LEU B 174 22.78 3.89 -3.04
CA LEU B 174 21.32 3.61 -3.18
C LEU B 174 21.06 2.67 -4.35
N LYS B 175 22.02 2.46 -5.26
CA LYS B 175 21.77 1.49 -6.37
C LYS B 175 21.85 0.06 -5.83
N TYR B 176 22.44 -0.16 -4.65
CA TYR B 176 22.76 -1.53 -4.21
C TYR B 176 21.90 -1.89 -3.00
N LEU B 177 21.52 -3.16 -2.93
CA LEU B 177 20.84 -3.75 -1.75
C LEU B 177 21.85 -3.91 -0.61
N PRO B 178 21.37 -3.76 0.65
CA PRO B 178 22.19 -4.02 1.83
C PRO B 178 23.00 -5.32 1.78
N SER B 179 22.41 -6.43 1.33
CA SER B 179 23.10 -7.74 1.25
C SER B 179 24.33 -7.65 0.35
N VAL B 180 24.26 -6.83 -0.71
CA VAL B 180 25.30 -6.73 -1.76
C VAL B 180 26.41 -5.82 -1.23
N ILE B 181 26.04 -4.69 -0.63
CA ILE B 181 27.00 -3.76 0.02
C ILE B 181 27.77 -4.56 1.07
N ALA B 182 27.08 -5.35 1.90
CA ALA B 182 27.71 -6.13 2.97
C ALA B 182 28.68 -7.15 2.33
N GLY B 183 28.32 -7.71 1.20
CA GLY B 183 29.14 -8.70 0.48
C GLY B 183 30.42 -8.06 0.01
N ALA B 184 30.32 -6.90 -0.64
CA ALA B 184 31.49 -6.13 -1.10
C ALA B 184 32.33 -5.70 0.10
N ALA B 185 31.72 -5.16 1.16
CA ALA B 185 32.43 -4.66 2.37
C ALA B 185 33.22 -5.81 3.00
N PHE B 186 32.61 -6.98 3.07
CA PHE B 186 33.22 -8.18 3.69
C PHE B 186 34.39 -8.66 2.83
N HIS B 187 34.19 -8.84 1.53
CA HIS B 187 35.28 -9.26 0.61
C HIS B 187 36.44 -8.27 0.71
N LEU B 188 36.16 -6.97 0.62
CA LEU B 188 37.20 -5.92 0.57
C LEU B 188 37.98 -5.90 1.89
N ALA B 189 37.30 -6.04 3.02
CA ALA B 189 37.91 -6.11 4.35
C ALA B 189 38.79 -7.37 4.48
N LEU B 190 38.23 -8.53 4.15
CA LEU B 190 38.99 -9.81 4.13
C LEU B 190 40.28 -9.65 3.30
N TYR B 191 40.15 -9.21 2.05
CA TYR B 191 41.27 -9.10 1.08
C TYR B 191 42.33 -8.16 1.63
N THR B 192 41.91 -7.03 2.21
CA THR B 192 42.81 -5.99 2.75
C THR B 192 43.60 -6.58 3.91
N VAL B 193 42.95 -7.27 4.84
CA VAL B 193 43.63 -7.70 6.09
C VAL B 193 44.40 -9.02 5.87
N THR B 194 43.89 -9.94 5.05
CA THR B 194 44.39 -11.33 5.05
C THR B 194 44.68 -11.82 3.63
N GLY B 195 44.32 -11.08 2.59
CA GLY B 195 44.49 -11.52 1.19
C GLY B 195 43.53 -12.62 0.81
N GLN B 196 42.64 -13.05 1.70
CA GLN B 196 41.58 -14.05 1.37
C GLN B 196 40.45 -13.36 0.59
N SER B 197 39.55 -14.15 -0.01
CA SER B 197 38.42 -13.69 -0.86
C SER B 197 37.07 -14.18 -0.31
N TRP B 198 35.98 -13.51 -0.72
CA TRP B 198 34.58 -13.95 -0.57
C TRP B 198 34.51 -15.48 -0.55
N PRO B 199 34.21 -16.11 0.61
CA PRO B 199 34.33 -17.57 0.74
C PRO B 199 33.19 -18.38 0.12
N GLU B 200 33.52 -19.60 -0.28
CA GLU B 200 32.57 -20.54 -0.90
C GLU B 200 31.31 -20.69 -0.04
N SER B 201 31.42 -20.77 1.28
CA SER B 201 30.25 -20.95 2.16
C SER B 201 29.27 -19.77 1.97
N LEU B 202 29.77 -18.56 1.69
CA LEU B 202 28.88 -17.38 1.48
C LEU B 202 28.39 -17.35 0.05
N ILE B 203 29.16 -17.88 -0.90
CA ILE B 203 28.63 -18.05 -2.30
C ILE B 203 27.39 -18.95 -2.21
N ARG B 204 27.46 -20.03 -1.44
CA ARG B 204 26.32 -20.97 -1.29
C ARG B 204 25.17 -20.29 -0.53
N LYS B 205 25.45 -19.63 0.59
CA LYS B 205 24.36 -19.01 1.39
C LYS B 205 23.63 -17.93 0.58
N THR B 206 24.37 -17.04 -0.08
CA THR B 206 23.85 -15.77 -0.65
C THR B 206 23.48 -15.94 -2.13
N GLY B 207 24.10 -16.89 -2.82
CA GLY B 207 24.03 -17.02 -4.28
C GLY B 207 24.84 -15.94 -4.98
N TYR B 208 25.60 -15.12 -4.25
CA TYR B 208 26.46 -14.05 -4.83
C TYR B 208 27.84 -14.64 -5.13
N THR B 209 28.28 -14.55 -6.37
CA THR B 209 29.69 -14.77 -6.77
C THR B 209 30.46 -13.48 -6.60
N LEU B 210 31.78 -13.59 -6.52
CA LEU B 210 32.68 -12.42 -6.56
C LEU B 210 32.33 -11.58 -7.80
N GLU B 211 31.96 -12.22 -8.91
CA GLU B 211 31.62 -11.54 -10.17
C GLU B 211 30.38 -10.67 -9.95
N SER B 212 29.32 -11.19 -9.32
CA SER B 212 28.06 -10.43 -9.11
C SER B 212 28.32 -9.23 -8.19
N LEU B 213 29.31 -9.31 -7.31
CA LEU B 213 29.66 -8.24 -6.32
C LEU B 213 30.58 -7.18 -6.97
N LYS B 214 31.10 -7.45 -8.16
CA LYS B 214 32.17 -6.62 -8.78
C LYS B 214 31.70 -5.17 -8.91
N PRO B 215 30.54 -4.85 -9.52
CA PRO B 215 30.15 -3.43 -9.66
C PRO B 215 30.20 -2.69 -8.32
N CYS B 216 29.59 -3.26 -7.28
CA CYS B 216 29.59 -2.67 -5.93
C CYS B 216 31.03 -2.60 -5.38
N LEU B 217 31.81 -3.66 -5.58
CA LEU B 217 33.20 -3.70 -5.08
C LEU B 217 34.02 -2.55 -5.67
N MET B 218 33.91 -2.32 -6.97
CA MET B 218 34.68 -1.25 -7.67
CA MET B 218 34.69 -1.25 -7.66
C MET B 218 34.32 0.10 -7.05
N ASP B 219 33.03 0.33 -6.83
CA ASP B 219 32.55 1.59 -6.18
C ASP B 219 33.16 1.66 -4.80
N LEU B 220 33.09 0.57 -4.02
CA LEU B 220 33.50 0.63 -2.60
C LEU B 220 35.02 0.76 -2.52
N HIS B 221 35.76 0.18 -3.45
CA HIS B 221 37.24 0.35 -3.51
C HIS B 221 37.62 1.85 -3.70
N GLN B 222 36.97 2.53 -4.62
CA GLN B 222 37.20 3.97 -4.88
C GLN B 222 36.86 4.73 -3.59
N THR B 223 35.71 4.41 -2.97
CA THR B 223 35.28 5.11 -1.73
C THR B 223 36.39 4.97 -0.70
N TYR B 224 36.90 3.75 -0.56
CA TYR B 224 37.95 3.42 0.44
C TYR B 224 39.21 4.25 0.11
N LEU B 225 39.62 4.19 -1.15
CA LEU B 225 40.86 4.91 -1.62
C LEU B 225 40.72 6.42 -1.34
N LYS B 226 39.53 6.99 -1.50
CA LYS B 226 39.34 8.46 -1.40
C LYS B 226 38.85 8.90 -0.03
N ALA B 227 38.72 7.99 0.93
CA ALA B 227 38.09 8.34 2.23
C ALA B 227 38.83 9.45 2.95
N PRO B 228 40.18 9.50 2.96
CA PRO B 228 40.89 10.56 3.69
C PRO B 228 40.64 11.95 3.06
N GLN B 229 40.18 12.02 1.81
CA GLN B 229 39.89 13.32 1.11
C GLN B 229 38.42 13.72 1.21
N HIS B 230 37.52 12.82 1.63
CA HIS B 230 36.06 13.08 1.55
C HIS B 230 35.79 14.27 2.46
N ALA B 231 34.81 15.10 2.15
CA ALA B 231 34.44 16.21 3.09
C ALA B 231 33.94 15.67 4.41
N GLN B 232 33.31 14.48 4.39
CA GLN B 232 32.76 13.90 5.65
C GLN B 232 33.80 12.93 6.25
N GLN B 233 34.13 13.11 7.52
CA GLN B 233 35.28 12.43 8.17
C GLN B 233 34.85 11.77 9.49
N SER B 234 33.58 11.84 9.91
CA SER B 234 33.19 11.32 11.25
C SER B 234 33.41 9.81 11.34
N ILE B 235 33.19 9.06 10.26
CA ILE B 235 33.32 7.59 10.26
C ILE B 235 34.83 7.25 10.39
N ARG B 236 35.71 7.88 9.61
CA ARG B 236 37.18 7.69 9.79
C ARG B 236 37.60 7.99 11.22
N GLU B 237 37.14 9.09 11.81
CA GLU B 237 37.54 9.44 13.18
C GLU B 237 37.09 8.29 14.08
N LYS B 238 35.85 7.82 13.93
CA LYS B 238 35.29 6.77 14.82
C LYS B 238 36.14 5.52 14.76
N TYR B 239 36.51 5.05 13.56
CA TYR B 239 37.18 3.73 13.36
C TYR B 239 38.72 3.81 13.54
N LYS B 240 39.22 4.95 14.01
CA LYS B 240 40.60 5.08 14.55
C LYS B 240 40.66 4.51 15.98
N ASN B 241 39.56 4.52 16.74
CA ASN B 241 39.50 4.05 18.14
C ASN B 241 40.01 2.59 18.22
N SER B 242 40.58 2.24 19.37
CA SER B 242 41.07 0.88 19.70
C SER B 242 39.87 -0.07 19.70
N LYS B 243 38.70 0.43 20.08
CA LYS B 243 37.42 -0.35 19.97
C LYS B 243 37.40 -1.05 18.61
N TYR B 244 37.85 -0.38 17.54
CA TYR B 244 37.75 -0.89 16.14
C TYR B 244 39.13 -1.23 15.60
N HIS B 245 40.08 -1.52 16.51
CA HIS B 245 41.43 -1.98 16.13
C HIS B 245 42.12 -0.94 15.24
N GLY B 246 41.78 0.35 15.40
CA GLY B 246 42.22 1.47 14.54
C GLY B 246 42.19 1.17 13.05
N VAL B 247 41.21 0.40 12.54
CA VAL B 247 41.26 -0.11 11.13
C VAL B 247 41.22 1.04 10.12
N SER B 248 40.62 2.21 10.44
CA SER B 248 40.55 3.34 9.46
C SER B 248 41.97 3.86 9.14
N LEU B 249 42.96 3.54 9.97
CA LEU B 249 44.38 3.92 9.74
C LEU B 249 45.07 2.95 8.76
N LEU B 250 44.49 1.81 8.41
CA LEU B 250 45.16 0.82 7.51
C LEU B 250 45.20 1.38 6.10
N ASN B 251 46.19 0.98 5.29
CA ASN B 251 46.27 1.35 3.85
C ASN B 251 45.35 0.47 3.02
N PRO B 252 44.51 1.06 2.16
CA PRO B 252 43.71 0.27 1.26
C PRO B 252 44.61 -0.41 0.27
N PRO B 253 44.21 -1.57 -0.28
CA PRO B 253 44.97 -2.21 -1.33
C PRO B 253 44.92 -1.32 -2.57
N GLU B 254 45.97 -1.37 -3.39
CA GLU B 254 46.07 -0.55 -4.62
C GLU B 254 45.19 -1.19 -5.71
N THR B 255 45.18 -2.51 -5.83
CA THR B 255 44.35 -3.26 -6.81
C THR B 255 43.61 -4.38 -6.07
N LEU B 256 42.57 -4.91 -6.67
CA LEU B 256 41.79 -6.04 -6.11
C LEU B 256 42.05 -7.31 -6.91
N ASN B 257 42.67 -7.20 -8.10
CA ASN B 257 43.02 -8.36 -8.97
C ASN B 257 41.80 -9.24 -9.23
N LEU B 258 40.67 -8.65 -9.68
CA LEU B 258 39.37 -9.36 -9.79
C LEU B 258 39.23 -10.04 -11.15
N MET C 2 -4.83 17.92 9.89
CA MET C 2 -4.62 19.37 9.40
C MET C 2 -3.67 20.20 10.28
N GLU C 3 -3.32 19.74 11.48
CA GLU C 3 -2.55 20.57 12.46
C GLU C 3 -1.16 20.85 11.85
N ASN C 4 -0.69 20.02 10.93
CA ASN C 4 0.64 20.20 10.31
C ASN C 4 0.66 21.23 9.17
N PHE C 5 -0.48 21.88 8.84
CA PHE C 5 -0.54 22.84 7.70
C PHE C 5 -0.79 24.24 8.23
N GLN C 6 0.03 25.18 7.80
CA GLN C 6 -0.15 26.62 8.08
C GLN C 6 -0.75 27.23 6.80
N LYS C 7 -2.02 27.61 6.84
CA LYS C 7 -2.68 28.36 5.72
C LYS C 7 -1.93 29.67 5.54
N VAL C 8 -1.52 29.97 4.32
CA VAL C 8 -0.84 31.24 3.97
C VAL C 8 -1.92 32.21 3.46
N GLU C 9 -2.66 31.84 2.41
CA GLU C 9 -3.78 32.68 1.87
C GLU C 9 -4.71 31.89 0.93
N LYS C 10 -5.93 32.39 0.73
CA LYS C 10 -6.90 31.92 -0.28
C LYS C 10 -6.35 32.22 -1.68
N ILE C 11 -6.24 31.23 -2.57
CA ILE C 11 -5.78 31.47 -3.96
C ILE C 11 -6.88 31.19 -4.97
N GLY C 12 -7.98 30.55 -4.58
CA GLY C 12 -9.01 30.15 -5.56
C GLY C 12 -10.29 29.77 -4.88
N GLU C 13 -11.38 29.53 -5.63
CA GLU C 13 -12.68 29.20 -4.99
C GLU C 13 -13.61 28.41 -5.93
N VAL C 18 -13.02 26.21 -1.75
CA VAL C 18 -11.87 27.16 -1.63
C VAL C 18 -10.54 26.41 -1.72
N VAL C 19 -9.56 27.01 -2.40
CA VAL C 19 -8.17 26.52 -2.50
C VAL C 19 -7.31 27.52 -1.70
N TYR C 20 -6.52 26.99 -0.75
CA TYR C 20 -5.51 27.79 -0.01
C TYR C 20 -4.09 27.39 -0.37
N LYS C 21 -3.22 28.39 -0.45
CA LYS C 21 -1.76 28.18 -0.39
C LYS C 21 -1.46 27.89 1.08
N ALA C 22 -0.68 26.86 1.33
CA ALA C 22 -0.34 26.45 2.72
C ALA C 22 1.07 25.91 2.76
N ARG C 23 1.58 25.81 3.99
CA ARG C 23 2.95 25.29 4.24
C ARG C 23 2.83 24.09 5.21
N ASN C 24 3.52 23.00 4.89
CA ASN C 24 3.71 21.88 5.85
C ASN C 24 4.67 22.41 6.95
N LYS C 25 4.20 22.51 8.19
CA LYS C 25 5.00 23.09 9.29
C LYS C 25 6.19 22.19 9.65
N LEU C 26 6.17 20.90 9.29
CA LEU C 26 7.23 19.93 9.65
C LEU C 26 8.27 19.81 8.55
N THR C 27 7.87 19.79 7.27
CA THR C 27 8.79 19.54 6.13
C THR C 27 9.09 20.82 5.36
N GLY C 28 8.28 21.89 5.57
CA GLY C 28 8.41 23.18 4.88
C GLY C 28 7.76 23.15 3.49
N GLU C 29 7.21 22.01 3.06
CA GLU C 29 6.67 21.82 1.70
C GLU C 29 5.51 22.81 1.50
N VAL C 30 5.58 23.59 0.42
CA VAL C 30 4.45 24.49 0.06
C VAL C 30 3.43 23.66 -0.74
N VAL C 31 2.17 23.73 -0.36
CA VAL C 31 1.08 22.93 -0.98
C VAL C 31 -0.09 23.85 -1.32
N ALA C 32 -1.03 23.32 -2.11
CA ALA C 32 -2.37 23.90 -2.32
C ALA C 32 -3.37 22.98 -1.65
N LEU C 33 -4.15 23.50 -0.70
CA LEU C 33 -5.22 22.75 -0.02
C LEU C 33 -6.54 23.07 -0.71
N LYS C 34 -7.18 22.06 -1.27
CA LYS C 34 -8.55 22.18 -1.84
C LYS C 34 -9.53 21.65 -0.81
N LYS C 35 -10.22 22.58 -0.16
CA LYS C 35 -11.23 22.27 0.87
C LYS C 35 -12.55 21.97 0.13
N ILE C 36 -13.12 20.80 0.39
CA ILE C 36 -14.47 20.38 -0.09
C ILE C 36 -15.41 20.37 1.14
N ARG C 37 -16.44 21.22 1.11
CA ARG C 37 -17.46 21.29 2.20
C ARG C 37 -18.36 20.04 2.12
N LEU C 38 -18.65 19.42 3.29
CA LEU C 38 -19.55 18.24 3.41
C LEU C 38 -20.88 18.66 4.03
N THR C 42 -24.91 16.47 3.66
CA THR C 42 -26.32 16.21 3.30
C THR C 42 -26.39 15.03 2.29
N GLU C 43 -25.54 15.03 1.26
CA GLU C 43 -25.46 13.93 0.27
C GLU C 43 -24.15 13.15 0.44
N GLY C 44 -23.40 13.45 1.49
CA GLY C 44 -22.10 12.81 1.74
C GLY C 44 -21.01 13.39 0.87
N VAL C 45 -20.07 12.57 0.44
CA VAL C 45 -18.92 13.08 -0.34
C VAL C 45 -19.41 13.47 -1.73
N PRO C 46 -19.17 14.72 -2.18
CA PRO C 46 -19.56 15.13 -3.53
C PRO C 46 -18.96 14.26 -4.64
N SER C 47 -19.76 13.96 -5.68
CA SER C 47 -19.31 13.20 -6.88
CA SER C 47 -19.30 13.19 -6.88
C SER C 47 -18.05 13.86 -7.49
N THR C 48 -18.00 15.18 -7.47
CA THR C 48 -16.86 15.95 -8.05
C THR C 48 -15.55 15.56 -7.34
N ALA C 49 -15.59 15.41 -6.02
CA ALA C 49 -14.45 15.04 -5.16
C ALA C 49 -14.10 13.58 -5.40
N ILE C 50 -15.12 12.70 -5.45
CA ILE C 50 -14.92 11.25 -5.66
C ILE C 50 -14.21 11.05 -6.99
N ARG C 51 -14.66 11.73 -8.04
CA ARG C 51 -14.05 11.60 -9.40
C ARG C 51 -12.66 12.23 -9.40
N GLU C 52 -12.49 13.43 -8.87
CA GLU C 52 -11.17 14.10 -8.93
C GLU C 52 -10.10 13.24 -8.24
N ILE C 53 -10.38 12.74 -7.04
CA ILE C 53 -9.42 11.90 -6.27
C ILE C 53 -9.17 10.59 -7.03
N SER C 54 -10.22 9.85 -7.38
CA SER C 54 -10.08 8.51 -7.99
CA SER C 54 -10.09 8.51 -8.00
C SER C 54 -9.34 8.62 -9.32
N LEU C 55 -9.67 9.62 -10.13
CA LEU C 55 -9.01 9.71 -11.45
C LEU C 55 -7.58 10.28 -11.31
N LEU C 56 -7.34 11.23 -10.42
CA LEU C 56 -5.95 11.76 -10.29
C LEU C 56 -5.00 10.70 -9.72
N LYS C 57 -5.48 9.74 -8.94
CA LYS C 57 -4.62 8.63 -8.45
C LYS C 57 -4.13 7.77 -9.63
N GLU C 58 -4.78 7.76 -10.78
CA GLU C 58 -4.28 7.04 -11.98
C GLU C 58 -3.59 7.97 -13.00
N LEU C 59 -3.33 9.22 -12.65
CA LEU C 59 -2.90 10.20 -13.67
C LEU C 59 -1.59 10.83 -13.19
N ASN C 60 -0.58 9.98 -13.04
CA ASN C 60 0.80 10.39 -12.67
C ASN C 60 1.52 10.76 -13.96
N HIS C 61 1.71 12.05 -14.20
CA HIS C 61 2.36 12.55 -15.42
C HIS C 61 2.95 13.91 -15.09
N PRO C 62 4.10 14.24 -15.71
CA PRO C 62 4.76 15.52 -15.47
C PRO C 62 3.87 16.74 -15.80
N ASN C 63 2.87 16.58 -16.69
CA ASN C 63 1.99 17.71 -17.10
C ASN C 63 0.58 17.54 -16.53
N ILE C 64 0.46 16.84 -15.40
CA ILE C 64 -0.79 16.77 -14.61
C ILE C 64 -0.46 17.11 -13.18
N VAL C 65 -1.23 18.00 -12.58
CA VAL C 65 -1.00 18.41 -11.17
C VAL C 65 -1.05 17.17 -10.28
N LYS C 66 -0.14 17.10 -9.29
CA LYS C 66 -0.02 15.94 -8.38
C LYS C 66 -0.91 16.12 -7.17
N LEU C 67 -1.67 15.07 -6.88
CA LEU C 67 -2.45 14.96 -5.63
C LEU C 67 -1.52 14.29 -4.61
N LEU C 68 -1.28 14.93 -3.47
CA LEU C 68 -0.25 14.43 -2.48
C LEU C 68 -0.94 13.67 -1.38
N ASP C 69 -2.13 14.07 -0.98
CA ASP C 69 -2.78 13.47 0.18
C ASP C 69 -4.27 13.81 0.14
N VAL C 70 -5.03 13.03 0.88
CA VAL C 70 -6.45 13.33 1.17
C VAL C 70 -6.63 13.22 2.67
N ILE C 71 -7.23 14.22 3.28
CA ILE C 71 -7.50 14.24 4.74
C ILE C 71 -8.99 14.38 4.87
N HIS C 72 -9.57 13.22 5.15
CA HIS C 72 -11.03 12.96 5.08
CA HIS C 72 -11.04 12.98 5.07
C HIS C 72 -11.50 12.66 6.48
N THR C 73 -12.05 13.65 7.15
CA THR C 73 -12.60 13.54 8.52
C THR C 73 -14.11 13.34 8.37
N GLU C 74 -14.85 13.44 9.48
CA GLU C 74 -16.34 13.38 9.50
C GLU C 74 -16.87 14.82 9.38
N ASN C 75 -16.01 15.85 9.50
CA ASN C 75 -16.37 17.29 9.33
C ASN C 75 -16.06 17.78 7.91
N LYS C 76 -14.82 17.62 7.44
CA LYS C 76 -14.37 18.22 6.16
C LYS C 76 -13.46 17.28 5.38
N LEU C 77 -13.28 17.59 4.11
CA LEU C 77 -12.39 16.84 3.22
C LEU C 77 -11.40 17.84 2.62
N TYR C 78 -10.11 17.63 2.83
CA TYR C 78 -9.04 18.46 2.23
C TYR C 78 -8.27 17.58 1.27
N LEU C 79 -8.16 18.01 0.01
CA LEU C 79 -7.23 17.39 -0.95
C LEU C 79 -5.95 18.23 -0.91
N VAL C 80 -4.80 17.57 -0.71
CA VAL C 80 -3.48 18.25 -0.66
C VAL C 80 -2.79 18.05 -1.99
N PHE C 81 -2.52 19.16 -2.65
CA PHE C 81 -1.88 19.16 -3.98
C PHE C 81 -0.54 19.86 -3.96
N GLU C 82 0.28 19.56 -4.96
CA GLU C 82 1.44 20.41 -5.26
C GLU C 82 0.97 21.84 -5.56
N PHE C 83 1.81 22.78 -5.20
CA PHE C 83 1.59 24.22 -5.39
C PHE C 83 2.37 24.65 -6.62
N LEU C 84 1.70 25.36 -7.53
CA LEU C 84 2.40 26.04 -8.66
C LEU C 84 2.17 27.55 -8.58
N HIS C 85 3.13 28.30 -9.08
CA HIS C 85 3.30 29.77 -8.84
C HIS C 85 2.15 30.56 -9.48
N GLN C 86 1.68 30.12 -10.67
CA GLN C 86 0.70 30.92 -11.46
C GLN C 86 -0.22 30.04 -12.32
N ASP C 87 -1.33 30.62 -12.77
CA ASP C 87 -2.21 29.97 -13.80
C ASP C 87 -2.02 30.70 -15.14
N LEU C 88 -2.38 30.04 -16.23
CA LEU C 88 -2.12 30.57 -17.58
C LEU C 88 -3.01 31.80 -17.82
N LYS C 89 -4.15 31.94 -17.14
CA LYS C 89 -5.00 33.13 -17.33
C LYS C 89 -4.24 34.37 -16.80
N LYS C 90 -3.65 34.28 -15.62
CA LYS C 90 -2.92 35.43 -15.03
C LYS C 90 -1.66 35.69 -15.84
N PHE C 91 -0.98 34.64 -16.28
CA PHE C 91 0.21 34.78 -17.13
C PHE C 91 -0.18 35.54 -18.42
N MET C 92 -1.33 35.19 -19.01
CA MET C 92 -1.83 35.77 -20.28
C MET C 92 -2.08 37.27 -20.03
N ASP C 93 -2.74 37.60 -18.92
CA ASP C 93 -3.05 39.00 -18.54
C ASP C 93 -1.75 39.78 -18.39
N ALA C 94 -0.76 39.22 -17.73
CA ALA C 94 0.52 39.87 -17.47
C ALA C 94 1.26 40.03 -18.80
N SER C 95 1.02 39.17 -19.80
CA SER C 95 1.72 39.21 -21.12
C SER C 95 0.89 39.92 -22.20
N ALA C 96 -0.24 40.55 -21.84
CA ALA C 96 -1.19 41.15 -22.83
C ALA C 96 -0.46 42.20 -23.69
N LEU C 97 0.45 43.01 -23.12
CA LEU C 97 1.19 44.08 -23.85
C LEU C 97 2.37 43.51 -24.64
N THR C 98 3.17 42.62 -24.08
CA THR C 98 4.36 42.04 -24.77
C THR C 98 3.98 40.87 -25.68
N GLY C 99 2.99 40.08 -25.26
CA GLY C 99 2.69 38.80 -25.91
C GLY C 99 3.56 37.70 -25.35
N ILE C 100 3.09 36.47 -25.42
CA ILE C 100 3.87 35.31 -24.95
C ILE C 100 4.81 35.00 -26.09
N PRO C 101 6.11 34.84 -25.82
CA PRO C 101 7.06 34.49 -26.88
C PRO C 101 6.63 33.23 -27.63
N LEU C 102 6.82 33.22 -28.94
CA LEU C 102 6.40 32.10 -29.81
C LEU C 102 6.93 30.77 -29.28
N PRO C 103 8.23 30.63 -28.88
CA PRO C 103 8.75 29.33 -28.44
C PRO C 103 8.08 28.85 -27.16
N LEU C 104 7.68 29.78 -26.28
CA LEU C 104 6.98 29.44 -25.02
C LEU C 104 5.52 29.01 -25.32
N ILE C 105 4.87 29.62 -26.30
CA ILE C 105 3.50 29.18 -26.73
C ILE C 105 3.64 27.73 -27.19
N LYS C 106 4.63 27.45 -28.02
CA LYS C 106 4.80 26.10 -28.60
C LYS C 106 5.11 25.09 -27.48
N SER C 107 5.99 25.44 -26.56
CA SER C 107 6.34 24.59 -25.40
C SER C 107 5.09 24.27 -24.60
N TYR C 108 4.33 25.29 -24.21
CA TYR C 108 3.13 25.15 -23.38
C TYR C 108 2.12 24.25 -24.12
N LEU C 109 1.89 24.46 -25.41
CA LEU C 109 0.89 23.65 -26.14
C LEU C 109 1.40 22.19 -26.19
N PHE C 110 2.68 21.99 -26.45
CA PHE C 110 3.31 20.65 -26.55
C PHE C 110 3.05 19.89 -25.24
N GLN C 111 3.32 20.56 -24.12
CA GLN C 111 3.20 20.01 -22.75
C GLN C 111 1.71 19.75 -22.44
N LEU C 112 0.81 20.67 -22.80
CA LEU C 112 -0.64 20.47 -22.56
C LEU C 112 -1.11 19.23 -23.32
N LEU C 113 -0.66 19.07 -24.55
CA LEU C 113 -1.04 17.90 -25.36
C LEU C 113 -0.47 16.59 -24.78
N GLN C 114 0.76 16.62 -24.23
CA GLN C 114 1.33 15.44 -23.54
C GLN C 114 0.45 15.04 -22.35
N GLY C 115 0.07 16.00 -21.52
CA GLY C 115 -0.80 15.79 -20.38
C GLY C 115 -2.13 15.21 -20.85
N LEU C 116 -2.70 15.81 -21.88
CA LEU C 116 -4.05 15.43 -22.34
C LEU C 116 -3.99 14.06 -23.03
N ALA C 117 -2.96 13.76 -23.80
CA ALA C 117 -2.77 12.44 -24.44
C ALA C 117 -2.74 11.36 -23.37
N PHE C 118 -2.10 11.64 -22.25
CA PHE C 118 -2.01 10.71 -21.11
C PHE C 118 -3.42 10.51 -20.54
N CYS C 119 -4.18 11.58 -20.30
CA CYS C 119 -5.57 11.48 -19.81
C CYS C 119 -6.37 10.55 -20.73
N HIS C 120 -6.35 10.84 -22.03
CA HIS C 120 -7.18 10.13 -23.04
C HIS C 120 -6.78 8.63 -23.12
N SER C 121 -5.48 8.33 -22.99
CA SER C 121 -4.90 6.96 -23.05
CA SER C 121 -4.96 6.95 -23.08
C SER C 121 -5.28 6.19 -21.79
N HIS C 122 -5.70 6.89 -20.73
CA HIS C 122 -6.16 6.35 -19.42
C HIS C 122 -7.68 6.57 -19.28
N ARG C 123 -8.36 6.68 -20.42
CA ARG C 123 -9.85 6.79 -20.53
C ARG C 123 -10.38 7.85 -19.58
N VAL C 124 -9.71 9.01 -19.51
CA VAL C 124 -10.24 10.17 -18.73
C VAL C 124 -10.48 11.38 -19.67
N LEU C 125 -11.68 11.96 -19.58
CA LEU C 125 -12.06 13.24 -20.21
C LEU C 125 -11.86 14.28 -19.13
N HIS C 126 -11.22 15.40 -19.46
CA HIS C 126 -11.07 16.52 -18.50
C HIS C 126 -12.38 17.32 -18.40
N ARG C 127 -12.81 17.88 -19.54
CA ARG C 127 -14.11 18.60 -19.70
C ARG C 127 -14.12 19.97 -19.00
N ASP C 128 -12.98 20.52 -18.61
CA ASP C 128 -12.98 21.95 -18.22
C ASP C 128 -11.61 22.59 -18.48
N LEU C 129 -11.03 22.30 -19.63
CA LEU C 129 -9.77 22.95 -20.02
C LEU C 129 -10.06 24.42 -20.39
N LYS C 130 -9.53 25.33 -19.59
CA LYS C 130 -9.51 26.78 -19.77
C LYS C 130 -8.25 27.29 -19.08
N PRO C 131 -7.76 28.49 -19.42
CA PRO C 131 -6.48 28.99 -18.90
C PRO C 131 -6.38 28.97 -17.37
N GLN C 132 -7.46 29.24 -16.65
CA GLN C 132 -7.36 29.33 -15.17
C GLN C 132 -7.10 27.94 -14.53
N ASN C 133 -7.28 26.86 -15.29
CA ASN C 133 -7.11 25.46 -14.84
C ASN C 133 -5.79 24.90 -15.38
N LEU C 134 -4.96 25.75 -15.93
CA LEU C 134 -3.64 25.33 -16.42
C LEU C 134 -2.60 26.08 -15.59
N LEU C 135 -1.78 25.32 -14.86
CA LEU C 135 -0.87 25.85 -13.82
C LEU C 135 0.56 25.81 -14.33
N ILE C 136 1.31 26.89 -14.04
CA ILE C 136 2.69 27.04 -14.56
C ILE C 136 3.64 27.27 -13.38
N ASN C 137 4.86 26.73 -13.52
CA ASN C 137 5.92 26.90 -12.47
C ASN C 137 7.02 27.77 -13.06
N THR C 138 8.04 28.06 -12.27
CA THR C 138 9.12 29.00 -12.62
C THR C 138 10.08 28.31 -13.57
N GLU C 139 9.99 26.99 -13.72
CA GLU C 139 10.91 26.18 -14.56
C GLU C 139 10.37 25.96 -15.97
N GLY C 140 9.24 26.56 -16.34
CA GLY C 140 8.70 26.45 -17.71
C GLY C 140 7.79 25.23 -17.92
N ALA C 141 7.38 24.56 -16.87
CA ALA C 141 6.36 23.48 -16.96
C ALA C 141 4.96 24.08 -16.95
N ILE C 142 4.03 23.40 -17.64
CA ILE C 142 2.58 23.71 -17.47
C ILE C 142 1.86 22.39 -17.19
N LYS C 143 0.84 22.46 -16.37
CA LYS C 143 0.13 21.25 -15.89
C LYS C 143 -1.38 21.44 -15.93
N LEU C 144 -2.08 20.39 -16.34
CA LEU C 144 -3.56 20.30 -16.25
C LEU C 144 -3.93 20.24 -14.79
N ALA C 145 -4.93 21.00 -14.39
CA ALA C 145 -5.50 20.96 -13.04
C ALA C 145 -7.03 21.03 -13.11
N ASP C 146 -7.63 20.86 -11.95
CA ASP C 146 -9.07 20.82 -11.63
C ASP C 146 -9.71 19.67 -12.43
N PHE C 147 -9.73 18.47 -11.84
CA PHE C 147 -10.35 17.25 -12.40
C PHE C 147 -11.71 17.03 -11.75
N GLY C 148 -12.29 18.04 -11.11
CA GLY C 148 -13.64 18.03 -10.51
C GLY C 148 -14.74 17.81 -11.58
N LEU C 149 -14.48 18.14 -12.85
CA LEU C 149 -15.46 17.98 -13.96
C LEU C 149 -15.09 16.80 -14.85
N ALA C 150 -14.05 16.08 -14.52
CA ALA C 150 -13.53 14.95 -15.31
C ALA C 150 -14.45 13.71 -15.18
N ARG C 151 -14.23 12.75 -16.07
CA ARG C 151 -15.05 11.51 -16.05
C ARG C 151 -14.33 10.37 -16.77
N ALA C 152 -14.33 9.18 -16.17
CA ALA C 152 -13.78 7.98 -16.83
C ALA C 152 -14.78 7.61 -17.93
N PHE C 153 -14.34 7.52 -19.17
CA PHE C 153 -15.23 7.23 -20.32
C PHE C 153 -15.02 5.78 -20.73
N GLY C 154 -15.93 5.26 -21.51
CA GLY C 154 -15.89 3.87 -21.98
C GLY C 154 -15.71 3.84 -23.48
N VAL C 155 -15.32 2.68 -23.99
CA VAL C 155 -15.10 2.43 -25.44
C VAL C 155 -16.18 1.47 -25.94
N PRO C 156 -17.17 1.91 -26.73
CA PRO C 156 -17.33 3.30 -27.13
C PRO C 156 -18.11 4.06 -26.06
N VAL C 157 -18.27 5.36 -26.26
CA VAL C 157 -18.87 6.23 -25.19
C VAL C 157 -20.37 5.98 -25.14
N ARG C 158 -20.94 6.29 -23.98
CA ARG C 158 -22.40 6.49 -23.94
C ARG C 158 -22.65 7.97 -23.65
N THR C 159 -23.91 8.32 -23.49
CA THR C 159 -24.32 9.69 -23.13
C THR C 159 -23.77 10.05 -21.75
N TYR C 160 -23.14 11.23 -21.65
CA TYR C 160 -22.61 11.80 -20.38
C TYR C 160 -23.32 13.11 -20.13
N TPO C 161 -22.92 13.77 -19.06
CA TPO C 161 -23.53 15.02 -18.62
CB TPO C 161 -22.83 15.57 -17.37
CG2 TPO C 161 -23.50 16.79 -16.77
OG1 TPO C 161 -22.89 14.51 -16.34
P TPO C 161 -21.59 13.71 -15.89
O1P TPO C 161 -20.66 14.77 -15.34
O2P TPO C 161 -20.97 13.03 -17.12
O3P TPO C 161 -22.09 12.71 -14.85
C TPO C 161 -23.46 16.03 -19.77
O TPO C 161 -22.40 16.22 -20.37
N HIS C 162 -24.59 16.72 -19.99
CA HIS C 162 -24.71 17.71 -21.05
C HIS C 162 -24.06 19.02 -20.62
N GLU C 163 -24.13 19.36 -19.35
CA GLU C 163 -23.75 20.71 -18.86
C GLU C 163 -22.25 20.71 -18.66
N VAL C 164 -21.44 20.72 -19.75
CA VAL C 164 -19.97 20.55 -19.54
C VAL C 164 -19.17 21.59 -20.37
N VAL C 165 -18.01 21.93 -19.81
CA VAL C 165 -16.99 22.88 -20.32
C VAL C 165 -17.49 24.31 -20.15
N THR C 166 -16.62 25.16 -19.64
CA THR C 166 -16.85 26.62 -19.59
C THR C 166 -17.15 27.11 -21.02
N LEU C 167 -18.18 27.94 -21.14
CA LEU C 167 -18.84 28.33 -22.42
C LEU C 167 -17.79 28.68 -23.48
N TRP C 168 -16.84 29.57 -23.19
CA TRP C 168 -15.92 30.08 -24.23
C TRP C 168 -15.11 28.93 -24.82
N TYR C 169 -14.93 27.83 -24.08
CA TYR C 169 -14.02 26.73 -24.48
C TYR C 169 -14.85 25.49 -24.90
N ARG C 170 -16.16 25.65 -24.99
CA ARG C 170 -17.12 24.53 -25.24
C ARG C 170 -17.27 24.18 -26.73
N ALA C 171 -17.12 22.90 -27.05
CA ALA C 171 -17.11 22.37 -28.42
C ALA C 171 -18.53 22.43 -29.03
N PRO C 172 -18.60 22.59 -30.37
CA PRO C 172 -19.89 22.74 -31.04
C PRO C 172 -20.82 21.52 -30.87
N GLU C 173 -20.27 20.30 -30.81
CA GLU C 173 -21.10 19.08 -30.59
C GLU C 173 -21.79 19.14 -29.24
N ILE C 174 -21.26 19.85 -28.24
CA ILE C 174 -21.94 20.03 -26.92
C ILE C 174 -23.01 21.10 -27.11
N LEU C 175 -22.64 22.25 -27.66
CA LEU C 175 -23.64 23.34 -27.90
C LEU C 175 -24.86 22.85 -28.71
N LEU C 176 -24.67 21.95 -29.70
CA LEU C 176 -25.72 21.46 -30.61
C LEU C 176 -26.42 20.21 -30.02
N GLY C 177 -26.03 19.78 -28.81
CA GLY C 177 -26.68 18.74 -28.00
C GLY C 177 -26.45 17.34 -28.52
N CYS C 178 -25.31 17.00 -29.12
CA CYS C 178 -25.07 15.62 -29.63
C CYS C 178 -25.29 14.60 -28.48
N LYS C 179 -25.88 13.45 -28.80
CA LYS C 179 -26.08 12.36 -27.79
C LYS C 179 -24.72 11.90 -27.20
N TYR C 180 -23.69 11.91 -28.03
CA TYR C 180 -22.35 11.35 -27.71
C TYR C 180 -21.31 12.46 -27.91
N TYR C 181 -20.47 12.66 -26.93
CA TYR C 181 -19.22 13.45 -27.10
C TYR C 181 -18.14 12.65 -26.41
N SER C 182 -16.91 12.91 -26.80
CA SER C 182 -15.75 12.21 -26.22
C SER C 182 -14.52 13.14 -26.20
N THR C 183 -13.36 12.56 -26.42
CA THR C 183 -12.03 13.18 -26.27
C THR C 183 -11.94 14.47 -27.11
N ALA C 184 -12.60 14.51 -28.28
CA ALA C 184 -12.55 15.67 -29.20
C ALA C 184 -12.95 16.96 -28.43
N VAL C 185 -13.74 16.89 -27.38
CA VAL C 185 -14.18 18.13 -26.69
C VAL C 185 -12.98 18.76 -25.99
N ASP C 186 -12.05 17.96 -25.47
CA ASP C 186 -10.85 18.49 -24.80
C ASP C 186 -9.95 19.15 -25.86
N ILE C 187 -9.79 18.50 -27.01
CA ILE C 187 -8.94 19.04 -28.08
C ILE C 187 -9.50 20.39 -28.54
N TRP C 188 -10.81 20.53 -28.66
CA TRP C 188 -11.48 21.81 -28.98
C TRP C 188 -11.00 22.86 -27.99
N SER C 189 -11.12 22.59 -26.71
CA SER C 189 -10.74 23.54 -25.64
C SER C 189 -9.28 23.96 -25.81
N LEU C 190 -8.38 23.03 -26.10
CA LEU C 190 -6.95 23.36 -26.27
C LEU C 190 -6.73 24.18 -27.56
N GLY C 191 -7.46 23.90 -28.65
CA GLY C 191 -7.42 24.72 -29.87
C GLY C 191 -7.78 26.17 -29.52
N CYS C 192 -8.82 26.35 -28.71
CA CYS C 192 -9.23 27.71 -28.28
C CYS C 192 -8.11 28.36 -27.46
N ILE C 193 -7.44 27.57 -26.60
CA ILE C 193 -6.39 28.07 -25.68
C ILE C 193 -5.17 28.44 -26.52
N PHE C 194 -4.81 27.63 -27.51
CA PHE C 194 -3.71 27.87 -28.47
C PHE C 194 -3.89 29.26 -29.13
N ALA C 195 -5.08 29.51 -29.67
CA ALA C 195 -5.41 30.76 -30.36
C ALA C 195 -5.31 31.91 -29.35
N GLU C 196 -5.78 31.66 -28.15
CA GLU C 196 -5.85 32.71 -27.11
C GLU C 196 -4.42 33.14 -26.71
N MET C 197 -3.50 32.19 -26.57
CA MET C 197 -2.07 32.48 -26.32
C MET C 197 -1.51 33.32 -27.48
N VAL C 198 -1.85 33.00 -28.72
CA VAL C 198 -1.29 33.65 -29.93
C VAL C 198 -1.80 35.10 -30.06
N THR C 199 -3.08 35.34 -29.83
CA THR C 199 -3.73 36.62 -30.23
C THR C 199 -3.89 37.46 -28.99
N ARG C 200 -3.67 36.91 -27.80
CA ARG C 200 -3.82 37.63 -26.54
C ARG C 200 -5.29 37.94 -26.25
N ARG C 201 -6.24 37.21 -26.82
CA ARG C 201 -7.65 37.35 -26.36
C ARG C 201 -8.40 36.05 -26.70
N ALA C 202 -9.49 35.84 -26.02
CA ALA C 202 -10.36 34.65 -26.16
C ALA C 202 -10.80 34.54 -27.62
N LEU C 203 -10.69 33.35 -28.21
CA LEU C 203 -11.10 33.15 -29.61
C LEU C 203 -12.62 33.34 -29.74
N PHE C 204 -13.44 32.81 -28.83
CA PHE C 204 -14.91 32.69 -28.98
C PHE C 204 -15.53 33.13 -27.67
N PRO C 205 -15.46 34.43 -27.30
CA PRO C 205 -16.04 34.89 -26.04
C PRO C 205 -17.56 35.10 -26.08
N GLY C 206 -18.34 34.01 -26.13
CA GLY C 206 -19.82 34.04 -26.16
C GLY C 206 -20.43 34.54 -24.86
N ASP C 207 -21.64 35.16 -24.91
CA ASP C 207 -22.37 35.53 -23.66
C ASP C 207 -23.62 34.67 -23.49
N SER C 208 -23.80 33.63 -24.32
CA SER C 208 -24.93 32.68 -24.26
C SER C 208 -24.56 31.52 -25.18
N GLU C 209 -25.33 30.43 -25.15
CA GLU C 209 -25.04 29.24 -25.98
C GLU C 209 -25.20 29.63 -27.45
N ILE C 210 -26.25 30.38 -27.79
CA ILE C 210 -26.50 30.76 -29.20
C ILE C 210 -25.41 31.72 -29.68
N ASP C 211 -25.00 32.67 -28.85
CA ASP C 211 -23.95 33.65 -29.21
C ASP C 211 -22.61 32.91 -29.39
N GLN C 212 -22.37 31.92 -28.53
CA GLN C 212 -21.13 31.12 -28.58
C GLN C 212 -21.11 30.38 -29.93
N LEU C 213 -22.22 29.72 -30.30
CA LEU C 213 -22.31 29.01 -31.60
C LEU C 213 -22.05 29.97 -32.76
N PHE C 214 -22.72 31.12 -32.74
CA PHE C 214 -22.62 32.08 -33.87
C PHE C 214 -21.21 32.66 -33.94
N ARG C 215 -20.55 32.86 -32.79
CA ARG C 215 -19.15 33.33 -32.84
C ARG C 215 -18.30 32.27 -33.52
N ILE C 216 -18.57 31.00 -33.24
CA ILE C 216 -17.82 29.90 -33.90
C ILE C 216 -18.12 29.93 -35.42
N PHE C 217 -19.40 30.00 -35.78
CA PHE C 217 -19.85 29.93 -37.21
C PHE C 217 -19.28 31.12 -37.99
N ARG C 218 -19.21 32.29 -37.36
CA ARG C 218 -18.68 33.50 -38.07
C ARG C 218 -17.20 33.34 -38.40
N THR C 219 -16.46 32.58 -37.59
CA THR C 219 -15.01 32.41 -37.76
C THR C 219 -14.75 31.21 -38.65
N LEU C 220 -15.41 30.09 -38.38
CA LEU C 220 -15.02 28.83 -39.07
C LEU C 220 -15.98 28.52 -40.20
N GLY C 221 -17.04 29.33 -40.36
CA GLY C 221 -18.10 29.04 -41.33
C GLY C 221 -19.21 28.22 -40.72
N THR C 222 -20.44 28.45 -41.10
CA THR C 222 -21.59 27.66 -40.61
C THR C 222 -21.44 26.25 -41.16
N PRO C 223 -21.37 25.20 -40.31
CA PRO C 223 -21.20 23.84 -40.80
C PRO C 223 -22.48 23.36 -41.51
N ASP C 224 -22.30 22.52 -42.52
CA ASP C 224 -23.41 21.83 -43.24
C ASP C 224 -23.07 20.34 -43.28
N GLU C 225 -23.91 19.56 -43.97
CA GLU C 225 -23.82 18.08 -44.02
C GLU C 225 -22.54 17.65 -44.71
N VAL C 226 -21.93 18.51 -45.52
CA VAL C 226 -20.68 18.14 -46.24
C VAL C 226 -19.50 18.27 -45.27
N VAL C 227 -19.41 19.41 -44.59
CA VAL C 227 -18.37 19.70 -43.56
C VAL C 227 -18.53 18.71 -42.39
N TRP C 228 -19.76 18.51 -41.92
CA TRP C 228 -20.04 17.74 -40.68
C TRP C 228 -21.29 16.87 -40.87
N PRO C 229 -21.10 15.64 -41.42
CA PRO C 229 -22.22 14.73 -41.62
C PRO C 229 -22.97 14.51 -40.31
N GLY C 230 -24.29 14.64 -40.32
CA GLY C 230 -25.12 14.49 -39.13
C GLY C 230 -25.48 15.83 -38.50
N VAL C 231 -24.78 16.94 -38.81
CA VAL C 231 -25.00 18.19 -38.04
C VAL C 231 -26.46 18.62 -38.10
N THR C 232 -27.14 18.52 -39.26
CA THR C 232 -28.51 19.06 -39.46
C THR C 232 -29.54 18.23 -38.69
N SER C 233 -29.13 17.07 -38.12
CA SER C 233 -29.97 16.16 -37.32
C SER C 233 -29.75 16.34 -35.82
N MET C 234 -28.80 17.18 -35.41
CA MET C 234 -28.53 17.36 -33.96
C MET C 234 -29.69 18.10 -33.30
N PRO C 235 -29.95 17.78 -32.02
CA PRO C 235 -31.14 18.28 -31.33
C PRO C 235 -31.27 19.81 -31.37
N ASP C 236 -30.19 20.56 -31.26
CA ASP C 236 -30.31 22.03 -31.15
C ASP C 236 -29.86 22.71 -32.43
N TYR C 237 -29.69 21.94 -33.52
CA TYR C 237 -29.41 22.54 -34.83
C TYR C 237 -30.73 23.16 -35.34
N LYS C 238 -30.66 24.31 -36.00
CA LYS C 238 -31.82 24.97 -36.64
C LYS C 238 -31.45 25.28 -38.08
N PRO C 239 -32.22 24.82 -39.10
CA PRO C 239 -31.88 25.11 -40.48
C PRO C 239 -31.93 26.62 -40.79
N SER C 240 -32.52 27.43 -39.89
CA SER C 240 -32.56 28.89 -40.01
C SER C 240 -31.22 29.56 -39.64
N PHE C 241 -30.24 28.84 -39.12
CA PHE C 241 -28.96 29.48 -38.70
C PHE C 241 -28.41 30.24 -39.89
N PRO C 242 -27.88 31.46 -39.69
CA PRO C 242 -27.18 32.14 -40.79
C PRO C 242 -26.03 31.26 -41.32
N LYS C 243 -25.80 31.36 -42.63
CA LYS C 243 -24.75 30.62 -43.35
C LYS C 243 -23.58 31.57 -43.56
N TRP C 244 -22.61 31.59 -42.64
CA TRP C 244 -21.42 32.44 -42.79
C TRP C 244 -20.36 31.64 -43.54
N ALA C 245 -19.53 32.35 -44.31
CA ALA C 245 -18.33 31.74 -44.94
C ALA C 245 -17.23 31.66 -43.90
N ARG C 246 -16.28 30.75 -44.14
CA ARG C 246 -15.13 30.59 -43.22
C ARG C 246 -14.11 31.71 -43.43
N GLN C 247 -13.58 32.28 -42.34
CA GLN C 247 -12.52 33.31 -42.42
C GLN C 247 -11.18 32.63 -42.71
N ASP C 248 -10.27 33.36 -43.37
CA ASP C 248 -8.87 32.95 -43.63
C ASP C 248 -8.10 33.03 -42.30
N PHE C 249 -7.31 32.00 -41.97
CA PHE C 249 -6.61 31.95 -40.65
C PHE C 249 -5.59 33.11 -40.58
N SER C 250 -5.18 33.68 -41.71
CA SER C 250 -4.38 34.93 -41.77
C SER C 250 -5.08 36.05 -40.98
N LYS C 251 -6.41 36.05 -40.93
CA LYS C 251 -7.18 37.07 -40.16
C LYS C 251 -7.42 36.56 -38.74
N VAL C 252 -7.70 35.25 -38.56
CA VAL C 252 -8.05 34.68 -37.23
C VAL C 252 -6.84 34.70 -36.29
N VAL C 253 -5.71 34.20 -36.77
CA VAL C 253 -4.44 34.09 -35.99
C VAL C 253 -3.31 34.66 -36.82
N PRO C 254 -3.29 36.01 -37.01
CA PRO C 254 -2.29 36.66 -37.86
C PRO C 254 -0.85 36.28 -37.52
N PRO C 255 -0.41 36.30 -36.24
CA PRO C 255 0.99 35.98 -35.93
C PRO C 255 1.44 34.54 -36.17
N LEU C 256 0.56 33.62 -36.61
CA LEU C 256 0.85 32.16 -36.59
C LEU C 256 1.38 31.73 -37.96
N ASP C 257 2.40 30.87 -38.00
CA ASP C 257 3.02 30.35 -39.24
C ASP C 257 2.13 29.28 -39.88
N GLU C 258 2.56 28.76 -41.04
CA GLU C 258 1.81 27.76 -41.82
C GLU C 258 1.55 26.51 -40.95
N ASP C 259 2.55 26.02 -40.23
CA ASP C 259 2.42 24.81 -39.41
C ASP C 259 1.45 25.08 -38.25
N GLY C 260 1.57 26.24 -37.60
CA GLY C 260 0.66 26.67 -36.53
C GLY C 260 -0.77 26.69 -37.00
N ARG C 261 -1.02 27.28 -38.16
CA ARG C 261 -2.40 27.36 -38.71
C ARG C 261 -2.90 25.96 -39.05
N SER C 262 -2.04 25.11 -39.64
CA SER C 262 -2.44 23.72 -39.97
C SER C 262 -2.90 23.03 -38.68
N LEU C 263 -2.12 23.12 -37.63
CA LEU C 263 -2.44 22.42 -36.36
C LEU C 263 -3.74 23.01 -35.79
N LEU C 264 -3.87 24.33 -35.76
CA LEU C 264 -5.03 24.97 -35.11
C LEU C 264 -6.28 24.54 -35.89
N SER C 265 -6.21 24.49 -37.22
CA SER C 265 -7.37 24.16 -38.05
C SER C 265 -7.80 22.71 -37.74
N GLN C 266 -6.85 21.81 -37.50
CA GLN C 266 -7.12 20.38 -37.22
C GLN C 266 -7.69 20.21 -35.81
N MET C 267 -7.33 21.08 -34.88
CA MET C 267 -7.88 21.08 -33.50
C MET C 267 -9.28 21.68 -33.48
N LEU C 268 -9.64 22.49 -34.48
CA LEU C 268 -10.98 23.12 -34.52
C LEU C 268 -11.84 22.53 -35.66
N HIS C 269 -11.52 21.36 -36.22
CA HIS C 269 -12.42 20.66 -37.18
CA HIS C 269 -12.42 20.66 -37.18
C HIS C 269 -13.79 20.51 -36.52
N TYR C 270 -14.86 20.80 -37.28
CA TYR C 270 -16.25 20.71 -36.76
C TYR C 270 -16.58 19.27 -36.37
N ASP C 271 -16.30 18.34 -37.27
CA ASP C 271 -16.64 16.90 -37.12
C ASP C 271 -15.72 16.26 -36.08
N PRO C 272 -16.24 15.89 -34.87
CA PRO C 272 -15.40 15.33 -33.83
C PRO C 272 -14.65 14.10 -34.34
N ASN C 273 -15.19 13.35 -35.31
CA ASN C 273 -14.50 12.16 -35.87
C ASN C 273 -13.29 12.55 -36.70
N LYS C 274 -13.20 13.79 -37.20
CA LYS C 274 -12.03 14.23 -37.98
C LYS C 274 -11.10 15.12 -37.13
N ARG C 275 -11.57 15.67 -36.02
CA ARG C 275 -10.74 16.56 -35.18
C ARG C 275 -9.51 15.76 -34.75
N ILE C 276 -8.34 16.38 -34.81
CA ILE C 276 -7.05 15.71 -34.47
C ILE C 276 -7.08 15.23 -33.02
N SER C 277 -6.44 14.09 -32.75
CA SER C 277 -6.26 13.56 -31.36
C SER C 277 -5.04 14.27 -30.75
N ALA C 278 -4.94 14.25 -29.42
CA ALA C 278 -3.76 14.73 -28.68
C ALA C 278 -2.50 14.01 -29.20
N LYS C 279 -2.58 12.70 -29.37
CA LYS C 279 -1.43 11.87 -29.80
C LYS C 279 -0.98 12.28 -31.22
N ALA C 280 -1.91 12.48 -32.17
CA ALA C 280 -1.56 12.88 -33.55
C ALA C 280 -1.04 14.33 -33.53
N ALA C 281 -1.57 15.19 -32.68
CA ALA C 281 -1.16 16.61 -32.59
C ALA C 281 0.33 16.69 -32.20
N LEU C 282 0.76 15.85 -31.27
CA LEU C 282 2.16 15.82 -30.78
C LEU C 282 3.11 15.50 -31.95
N ALA C 283 2.66 14.79 -32.98
CA ALA C 283 3.47 14.40 -34.15
C ALA C 283 3.43 15.48 -35.22
N HIS C 284 2.70 16.58 -35.04
CA HIS C 284 2.55 17.61 -36.11
C HIS C 284 3.88 18.31 -36.33
N PRO C 285 4.21 18.73 -37.57
CA PRO C 285 5.46 19.42 -37.85
C PRO C 285 5.62 20.74 -37.08
N PHE C 286 4.54 21.34 -36.61
CA PHE C 286 4.62 22.54 -35.75
C PHE C 286 5.58 22.30 -34.60
N PHE C 287 5.64 21.09 -34.04
CA PHE C 287 6.45 20.79 -32.84
C PHE C 287 7.87 20.31 -33.16
N GLN C 288 8.29 20.31 -34.43
CA GLN C 288 9.61 19.78 -34.85
C GLN C 288 10.75 20.46 -34.05
N ASP C 289 10.67 21.74 -33.73
CA ASP C 289 11.84 22.40 -33.08
C ASP C 289 11.48 22.83 -31.65
N VAL C 290 10.57 22.11 -30.99
CA VAL C 290 10.05 22.56 -29.67
C VAL C 290 11.20 22.54 -28.65
N THR C 291 11.21 23.53 -27.77
CA THR C 291 12.19 23.74 -26.67
C THR C 291 11.37 23.93 -25.39
N LYS C 292 12.04 24.13 -24.25
CA LYS C 292 11.37 24.40 -22.95
C LYS C 292 11.93 25.70 -22.38
N PRO C 293 11.51 26.89 -22.90
CA PRO C 293 11.91 28.16 -22.32
C PRO C 293 11.33 28.35 -20.92
N VAL C 294 11.86 29.29 -20.15
CA VAL C 294 11.34 29.66 -18.80
C VAL C 294 10.54 30.96 -18.91
N PRO C 295 9.31 31.04 -18.36
CA PRO C 295 8.52 32.27 -18.48
C PRO C 295 9.23 33.47 -17.83
N PRO D 2 -10.27 4.83 -33.04
CA PRO D 2 -9.47 5.95 -32.50
C PRO D 2 -8.11 5.44 -32.00
N ASP D 3 -7.13 6.33 -31.99
CA ASP D 3 -5.70 5.96 -31.81
C ASP D 3 -5.37 5.77 -30.32
N TYR D 4 -6.36 5.84 -29.40
CA TYR D 4 -6.19 5.52 -27.96
C TYR D 4 -7.02 4.28 -27.57
N HIS D 5 -7.78 3.63 -28.47
CA HIS D 5 -8.55 2.39 -28.14
C HIS D 5 -7.58 1.31 -27.66
N GLU D 6 -6.45 1.11 -28.33
CA GLU D 6 -5.52 0.03 -27.96
C GLU D 6 -4.87 0.42 -26.63
N ASP D 7 -4.50 1.68 -26.46
CA ASP D 7 -3.89 2.14 -25.18
C ASP D 7 -4.88 1.89 -24.04
N ILE D 8 -6.14 2.22 -24.22
CA ILE D 8 -7.16 2.05 -23.12
C ILE D 8 -7.28 0.55 -22.82
N HIS D 9 -7.37 -0.29 -23.85
CA HIS D 9 -7.46 -1.76 -23.64
C HIS D 9 -6.25 -2.24 -22.83
N THR D 10 -5.04 -1.86 -23.24
CA THR D 10 -3.79 -2.26 -22.53
C THR D 10 -3.86 -1.79 -21.10
N TYR D 11 -4.27 -0.54 -20.84
CA TYR D 11 -4.35 0.03 -19.47
C TYR D 11 -5.39 -0.74 -18.62
N LEU D 12 -6.56 -1.05 -19.19
CA LEU D 12 -7.65 -1.77 -18.45
C LEU D 12 -7.19 -3.19 -18.12
N ARG D 13 -6.43 -3.82 -19.02
CA ARG D 13 -5.80 -5.15 -18.77
C ARG D 13 -4.88 -5.06 -17.56
N GLU D 14 -4.09 -3.98 -17.42
CA GLU D 14 -3.21 -3.81 -16.24
C GLU D 14 -4.05 -3.55 -15.00
N MET D 15 -5.05 -2.67 -15.06
CA MET D 15 -5.80 -2.26 -13.85
C MET D 15 -6.68 -3.42 -13.35
N GLU D 16 -7.16 -4.31 -14.22
CA GLU D 16 -8.12 -5.38 -13.78
C GLU D 16 -7.35 -6.30 -12.83
N VAL D 17 -6.04 -6.47 -13.06
CA VAL D 17 -5.19 -7.31 -12.17
C VAL D 17 -5.05 -6.59 -10.81
N LYS D 18 -4.90 -5.27 -10.80
CA LYS D 18 -4.72 -4.49 -9.56
C LYS D 18 -6.04 -4.32 -8.78
N CYS D 19 -7.19 -4.29 -9.43
CA CYS D 19 -8.51 -4.02 -8.79
C CYS D 19 -9.22 -5.34 -8.42
N LYS D 20 -8.56 -6.49 -8.68
CA LYS D 20 -9.11 -7.85 -8.41
C LYS D 20 -9.26 -8.00 -6.89
N PRO D 21 -10.43 -8.46 -6.37
CA PRO D 21 -10.50 -8.84 -4.95
C PRO D 21 -9.72 -10.13 -4.61
N LYS D 22 -9.54 -10.42 -3.33
CA LYS D 22 -8.83 -11.67 -2.86
C LYS D 22 -9.73 -12.87 -3.16
N VAL D 23 -9.27 -13.81 -3.98
CA VAL D 23 -10.08 -14.96 -4.53
C VAL D 23 -10.86 -15.65 -3.41
N GLY D 24 -10.17 -16.05 -2.34
CA GLY D 24 -10.74 -16.92 -1.29
C GLY D 24 -11.26 -16.16 -0.09
N TYR D 25 -11.66 -14.90 -0.22
CA TYR D 25 -11.94 -14.05 0.96
C TYR D 25 -13.14 -14.59 1.74
N MET D 26 -14.11 -15.23 1.08
CA MET D 26 -15.39 -15.60 1.74
C MET D 26 -15.12 -16.67 2.83
N LYS D 27 -14.13 -17.54 2.63
CA LYS D 27 -13.75 -18.58 3.63
C LYS D 27 -13.30 -17.93 4.93
N LYS D 28 -12.78 -16.69 4.88
CA LYS D 28 -12.22 -16.02 6.07
C LYS D 28 -13.28 -15.10 6.70
N GLN D 29 -14.44 -14.95 6.06
CA GLN D 29 -15.51 -14.14 6.65
C GLN D 29 -16.19 -15.03 7.67
N PRO D 30 -16.22 -14.68 8.96
CA PRO D 30 -16.81 -15.57 9.95
C PRO D 30 -18.33 -15.73 9.75
N ASP D 31 -19.04 -14.68 9.29
CA ASP D 31 -20.51 -14.60 9.45
C ASP D 31 -21.29 -14.60 8.12
N ILE D 32 -20.67 -14.35 6.97
CA ILE D 32 -21.41 -14.22 5.69
C ILE D 32 -20.90 -15.30 4.76
N THR D 33 -21.68 -15.62 3.73
CA THR D 33 -21.44 -16.72 2.78
C THR D 33 -21.61 -16.22 1.35
N ASN D 34 -21.20 -17.04 0.38
CA ASN D 34 -21.51 -16.88 -1.05
C ASN D 34 -23.01 -16.65 -1.26
N SER D 35 -23.87 -17.30 -0.50
CA SER D 35 -25.34 -17.25 -0.68
C SER D 35 -25.83 -15.89 -0.20
N MET D 36 -25.32 -15.36 0.90
CA MET D 36 -25.78 -14.02 1.36
C MET D 36 -25.31 -12.95 0.34
N ARG D 37 -24.13 -13.14 -0.22
CA ARG D 37 -23.58 -12.25 -1.28
C ARG D 37 -24.51 -12.31 -2.51
N ALA D 38 -24.88 -13.51 -2.97
CA ALA D 38 -25.75 -13.73 -4.15
C ALA D 38 -27.05 -12.96 -3.93
N ILE D 39 -27.62 -13.06 -2.73
CA ILE D 39 -28.87 -12.35 -2.33
C ILE D 39 -28.66 -10.84 -2.45
N LEU D 40 -27.53 -10.32 -1.97
CA LEU D 40 -27.21 -8.87 -1.99
C LEU D 40 -27.10 -8.40 -3.44
N VAL D 41 -26.39 -9.14 -4.28
CA VAL D 41 -26.12 -8.73 -5.68
C VAL D 41 -27.43 -8.76 -6.46
N ASP D 42 -28.23 -9.79 -6.25
CA ASP D 42 -29.56 -9.91 -6.88
C ASP D 42 -30.42 -8.73 -6.47
N TRP D 43 -30.37 -8.32 -5.20
CA TRP D 43 -31.12 -7.14 -4.73
C TRP D 43 -30.62 -5.86 -5.42
N LEU D 44 -29.31 -5.72 -5.61
CA LEU D 44 -28.76 -4.49 -6.26
C LEU D 44 -29.20 -4.45 -7.72
N VAL D 45 -29.34 -5.59 -8.39
CA VAL D 45 -29.87 -5.64 -9.78
C VAL D 45 -31.23 -4.96 -9.74
N GLU D 46 -32.08 -5.31 -8.76
CA GLU D 46 -33.46 -4.77 -8.64
C GLU D 46 -33.40 -3.29 -8.36
N VAL D 47 -32.52 -2.85 -7.46
CA VAL D 47 -32.37 -1.40 -7.14
C VAL D 47 -31.99 -0.64 -8.44
N GLY D 48 -31.04 -1.17 -9.19
CA GLY D 48 -30.62 -0.59 -10.46
C GLY D 48 -31.79 -0.43 -11.41
N GLU D 49 -32.64 -1.45 -11.55
CA GLU D 49 -33.86 -1.38 -12.40
C GLU D 49 -34.81 -0.32 -11.88
N GLU D 50 -35.10 -0.32 -10.59
CA GLU D 50 -36.02 0.65 -9.97
C GLU D 50 -35.51 2.08 -10.25
N TYR D 51 -34.20 2.35 -10.18
CA TYR D 51 -33.68 3.73 -10.35
C TYR D 51 -33.19 3.95 -11.79
N LYS D 52 -33.38 2.99 -12.69
CA LYS D 52 -32.93 3.05 -14.09
C LYS D 52 -31.44 3.46 -14.12
N LEU D 53 -30.61 2.76 -13.35
CA LEU D 53 -29.14 2.98 -13.31
C LEU D 53 -28.52 2.14 -14.42
N GLN D 54 -27.32 2.50 -14.81
CA GLN D 54 -26.54 1.81 -15.87
C GLN D 54 -26.11 0.45 -15.39
N ASN D 55 -25.92 -0.47 -16.33
CA ASN D 55 -25.27 -1.75 -16.01
C ASN D 55 -23.87 -1.48 -15.41
N GLU D 56 -23.14 -0.49 -15.94
CA GLU D 56 -21.77 -0.23 -15.44
C GLU D 56 -21.82 0.04 -13.94
N THR D 57 -22.80 0.81 -13.46
CA THR D 57 -22.94 1.20 -12.04
C THR D 57 -23.04 -0.07 -11.18
N LEU D 58 -23.84 -1.04 -11.62
CA LEU D 58 -24.01 -2.31 -10.90
C LEU D 58 -22.68 -3.04 -10.86
N HIS D 59 -22.01 -3.21 -12.00
CA HIS D 59 -20.71 -3.90 -12.04
C HIS D 59 -19.71 -3.24 -11.09
N LEU D 60 -19.65 -1.91 -11.06
CA LEU D 60 -18.71 -1.18 -10.16
C LEU D 60 -19.05 -1.50 -8.70
N ALA D 61 -20.33 -1.46 -8.35
CA ALA D 61 -20.79 -1.64 -6.95
C ALA D 61 -20.33 -3.03 -6.48
N VAL D 62 -20.43 -4.04 -7.33
CA VAL D 62 -20.00 -5.42 -6.98
C VAL D 62 -18.48 -5.45 -6.79
N ASN D 63 -17.73 -4.82 -7.68
CA ASN D 63 -16.25 -4.71 -7.53
C ASN D 63 -15.95 -4.08 -6.17
N TYR D 64 -16.65 -3.02 -5.77
CA TYR D 64 -16.41 -2.32 -4.49
C TYR D 64 -16.71 -3.23 -3.31
N ILE D 65 -17.85 -3.92 -3.34
CA ILE D 65 -18.26 -4.86 -2.26
C ILE D 65 -17.19 -5.96 -2.13
N ASP D 66 -16.81 -6.66 -3.20
CA ASP D 66 -15.82 -7.77 -3.11
C ASP D 66 -14.47 -7.27 -2.56
N ARG D 67 -14.06 -6.06 -2.97
CA ARG D 67 -12.78 -5.50 -2.47
C ARG D 67 -12.90 -5.15 -0.98
N PHE D 68 -14.04 -4.59 -0.57
CA PHE D 68 -14.26 -4.23 0.84
C PHE D 68 -14.26 -5.51 1.70
N LEU D 69 -15.00 -6.54 1.30
CA LEU D 69 -15.11 -7.82 2.03
C LEU D 69 -13.78 -8.59 1.99
N SER D 70 -12.88 -8.27 1.05
CA SER D 70 -11.50 -8.82 0.99
C SER D 70 -10.69 -8.38 2.22
N SER D 71 -11.00 -7.29 2.91
CA SER D 71 -10.15 -6.91 4.05
C SER D 71 -10.95 -6.57 5.30
N MET D 72 -12.28 -6.56 5.25
CA MET D 72 -13.08 -6.15 6.43
C MET D 72 -14.07 -7.27 6.76
N SER D 73 -13.99 -7.83 7.96
CA SER D 73 -15.04 -8.74 8.48
C SER D 73 -16.37 -7.97 8.62
N VAL D 74 -17.43 -8.55 8.09
CA VAL D 74 -18.79 -7.92 8.19
C VAL D 74 -19.81 -8.94 8.70
N LEU D 75 -20.58 -8.58 9.71
CA LEU D 75 -21.71 -9.45 10.18
C LEU D 75 -22.86 -9.37 9.16
N ARG D 76 -23.68 -10.41 9.10
CA ARG D 76 -24.77 -10.54 8.10
C ARG D 76 -25.72 -9.32 8.19
N GLY D 77 -25.98 -8.78 9.38
CA GLY D 77 -26.92 -7.66 9.55
C GLY D 77 -26.40 -6.37 8.94
N LYS D 78 -25.12 -6.32 8.58
CA LYS D 78 -24.51 -5.08 8.06
C LYS D 78 -24.14 -5.26 6.58
N LEU D 79 -24.29 -6.45 6.02
CA LEU D 79 -23.88 -6.69 4.61
C LEU D 79 -24.68 -5.75 3.68
N GLN D 80 -25.98 -5.58 3.93
CA GLN D 80 -26.83 -4.69 3.10
C GLN D 80 -26.37 -3.22 3.23
N LEU D 81 -25.83 -2.81 4.37
CA LEU D 81 -25.30 -1.43 4.55
C LEU D 81 -24.06 -1.26 3.68
N VAL D 82 -23.18 -2.24 3.63
CA VAL D 82 -21.98 -2.20 2.73
C VAL D 82 -22.46 -2.09 1.28
N GLY D 83 -23.41 -2.93 0.88
CA GLY D 83 -23.96 -2.92 -0.49
C GLY D 83 -24.54 -1.58 -0.89
N THR D 84 -25.32 -0.95 0.00
CA THR D 84 -26.01 0.32 -0.22
C THR D 84 -24.98 1.43 -0.40
N ALA D 85 -23.99 1.54 0.50
CA ALA D 85 -22.90 2.51 0.37
C ALA D 85 -22.14 2.27 -0.93
N ALA D 86 -21.91 1.02 -1.32
CA ALA D 86 -21.19 0.71 -2.56
C ALA D 86 -21.99 1.24 -3.75
N MET D 87 -23.31 1.02 -3.77
CA MET D 87 -24.19 1.41 -4.89
C MET D 87 -24.27 2.92 -4.96
N LEU D 88 -24.31 3.62 -3.79
CA LEU D 88 -24.26 5.09 -3.71
C LEU D 88 -22.94 5.61 -4.30
N LEU D 89 -21.81 4.98 -3.98
CA LEU D 89 -20.51 5.41 -4.50
C LEU D 89 -20.43 5.14 -5.99
N ALA D 90 -20.83 3.95 -6.43
CA ALA D 90 -20.81 3.59 -7.85
C ALA D 90 -21.70 4.60 -8.63
N SER D 91 -22.84 4.98 -8.06
CA SER D 91 -23.78 5.97 -8.68
C SER D 91 -23.13 7.36 -8.80
N LYS D 92 -22.51 7.87 -7.73
CA LYS D 92 -21.80 9.17 -7.75
C LYS D 92 -20.67 9.13 -8.76
N PHE D 93 -19.99 8.00 -8.88
CA PHE D 93 -18.89 7.91 -9.85
C PHE D 93 -19.45 7.92 -11.28
N GLU D 94 -20.45 7.07 -11.56
CA GLU D 94 -20.77 6.63 -12.94
C GLU D 94 -21.99 7.36 -13.51
N GLU D 95 -22.91 7.84 -12.67
CA GLU D 95 -24.26 8.26 -13.13
C GLU D 95 -24.30 9.77 -13.35
N ILE D 96 -25.03 10.18 -14.37
CA ILE D 96 -25.30 11.62 -14.58
C ILE D 96 -26.13 12.10 -13.39
N TYR D 97 -27.16 11.36 -13.00
CA TYR D 97 -28.09 11.77 -11.91
C TYR D 97 -28.11 10.65 -10.89
N PRO D 98 -27.16 10.60 -9.96
CA PRO D 98 -27.21 9.56 -8.94
C PRO D 98 -28.42 9.78 -8.05
N PRO D 99 -29.07 8.72 -7.56
CA PRO D 99 -30.14 8.89 -6.58
C PRO D 99 -29.58 9.54 -5.31
N GLU D 100 -30.46 10.27 -4.64
CA GLU D 100 -30.09 10.99 -3.39
C GLU D 100 -30.03 9.93 -2.26
N VAL D 101 -29.25 10.24 -1.22
CA VAL D 101 -29.02 9.33 -0.06
C VAL D 101 -30.38 8.92 0.52
N ALA D 102 -31.33 9.87 0.63
CA ALA D 102 -32.69 9.63 1.20
C ALA D 102 -33.39 8.52 0.41
N GLU D 103 -33.06 8.38 -0.89
CA GLU D 103 -33.63 7.31 -1.74
CA GLU D 103 -33.64 7.31 -1.75
C GLU D 103 -32.95 5.99 -1.41
N PHE D 104 -31.63 6.01 -1.22
CA PHE D 104 -30.91 4.79 -0.79
C PHE D 104 -31.45 4.36 0.58
N VAL D 105 -31.78 5.30 1.47
CA VAL D 105 -32.35 4.88 2.81
C VAL D 105 -33.71 4.22 2.60
N TYR D 106 -34.58 4.87 1.80
CA TYR D 106 -35.93 4.37 1.44
C TYR D 106 -35.87 2.96 0.88
N ILE D 107 -34.90 2.69 0.01
CA ILE D 107 -34.86 1.40 -0.72
C ILE D 107 -34.42 0.27 0.24
N THR D 108 -33.84 0.59 1.39
CA THR D 108 -33.56 -0.39 2.48
C THR D 108 -34.75 -0.51 3.46
N ASP D 109 -35.84 0.19 3.19
CA ASP D 109 -37.05 0.30 4.02
C ASP D 109 -36.65 0.70 5.45
N ASP D 110 -35.80 1.71 5.59
CA ASP D 110 -35.33 2.23 6.89
C ASP D 110 -34.65 1.10 7.71
N THR D 111 -34.06 0.09 7.10
CA THR D 111 -33.17 -0.85 7.86
C THR D 111 -32.00 -0.07 8.48
N TYR D 112 -31.50 0.96 7.77
CA TYR D 112 -30.37 1.83 8.20
C TYR D 112 -30.82 3.30 8.16
N THR D 113 -30.12 4.14 8.93
CA THR D 113 -30.32 5.60 8.94
C THR D 113 -29.45 6.23 7.85
N LYS D 114 -29.81 7.45 7.47
CA LYS D 114 -28.98 8.32 6.61
C LYS D 114 -27.54 8.38 7.18
N LYS D 115 -27.42 8.66 8.47
CA LYS D 115 -26.10 8.76 9.15
C LYS D 115 -25.30 7.47 8.91
N GLN D 116 -25.88 6.30 9.14
CA GLN D 116 -25.24 5.00 8.87
C GLN D 116 -24.78 4.89 7.42
N VAL D 117 -25.62 5.31 6.46
CA VAL D 117 -25.24 5.17 5.03
C VAL D 117 -24.04 6.07 4.74
N LEU D 118 -24.06 7.29 5.23
CA LEU D 118 -23.00 8.31 5.00
C LEU D 118 -21.71 7.90 5.72
N ARG D 119 -21.82 7.32 6.91
CA ARG D 119 -20.61 6.84 7.65
C ARG D 119 -20.03 5.63 6.92
N MET D 120 -20.87 4.77 6.40
CA MET D 120 -20.35 3.59 5.65
C MET D 120 -19.72 4.07 4.35
N GLU D 121 -20.26 5.09 3.70
CA GLU D 121 -19.64 5.65 2.47
C GLU D 121 -18.19 6.07 2.79
N HIS D 122 -17.98 6.81 3.87
CA HIS D 122 -16.62 7.25 4.32
CA HIS D 122 -16.63 7.25 4.30
C HIS D 122 -15.74 6.00 4.53
N LEU D 123 -16.26 4.97 5.19
CA LEU D 123 -15.46 3.78 5.50
C LEU D 123 -15.10 3.04 4.21
N VAL D 124 -16.05 2.89 3.29
CA VAL D 124 -15.76 2.19 2.01
C VAL D 124 -14.67 2.97 1.25
N LEU D 125 -14.79 4.28 1.21
CA LEU D 125 -13.78 5.14 0.52
C LEU D 125 -12.39 4.94 1.14
N LYS D 126 -12.35 4.89 2.48
CA LYS D 126 -11.07 4.70 3.23
C LYS D 126 -10.51 3.32 2.89
N VAL D 127 -11.33 2.28 2.92
CA VAL D 127 -10.85 0.88 2.74
C VAL D 127 -10.40 0.71 1.29
N LEU D 128 -11.09 1.33 0.36
CA LEU D 128 -10.74 1.22 -1.08
C LEU D 128 -9.69 2.28 -1.46
N THR D 129 -9.22 3.08 -0.49
CA THR D 129 -8.26 4.20 -0.69
C THR D 129 -8.67 5.02 -1.93
N PHE D 130 -9.96 5.30 -2.08
CA PHE D 130 -10.53 6.16 -3.16
C PHE D 130 -10.24 5.60 -4.55
N ASP D 131 -9.91 4.32 -4.68
CA ASP D 131 -9.56 3.75 -6.01
C ASP D 131 -10.86 3.16 -6.61
N LEU D 132 -11.68 3.99 -7.27
CA LEU D 132 -13.05 3.61 -7.68
C LEU D 132 -13.12 3.31 -9.17
N ALA D 133 -12.08 3.64 -9.93
CA ALA D 133 -12.15 3.55 -11.40
C ALA D 133 -11.74 2.14 -11.81
N ALA D 134 -12.51 1.14 -11.37
CA ALA D 134 -12.18 -0.27 -11.62
C ALA D 134 -12.67 -0.71 -12.99
N PRO D 135 -11.89 -1.52 -13.72
CA PRO D 135 -12.39 -2.14 -14.93
C PRO D 135 -13.47 -3.18 -14.58
N THR D 136 -14.46 -3.28 -15.45
CA THR D 136 -15.65 -4.18 -15.27
C THR D 136 -15.75 -5.11 -16.47
N VAL D 137 -16.53 -6.19 -16.30
CA VAL D 137 -16.89 -7.07 -17.45
C VAL D 137 -17.52 -6.18 -18.52
N ASN D 138 -18.36 -5.27 -18.10
CA ASN D 138 -19.11 -4.36 -18.99
C ASN D 138 -18.16 -3.57 -19.90
N GLN D 139 -17.10 -3.00 -19.34
CA GLN D 139 -16.13 -2.17 -20.10
C GLN D 139 -15.42 -3.03 -21.13
N PHE D 140 -15.16 -4.30 -20.84
CA PHE D 140 -14.55 -5.20 -21.86
C PHE D 140 -15.58 -5.60 -22.92
N LEU D 141 -16.80 -5.92 -22.49
CA LEU D 141 -17.88 -6.29 -23.44
C LEU D 141 -18.06 -5.20 -24.50
N THR D 142 -18.20 -3.93 -24.09
CA THR D 142 -18.53 -2.87 -25.05
C THR D 142 -17.40 -2.75 -26.06
N GLN D 143 -16.16 -2.96 -25.66
CA GLN D 143 -15.04 -2.95 -26.63
C GLN D 143 -15.14 -4.16 -27.56
N TYR D 144 -15.45 -5.34 -27.03
CA TYR D 144 -15.57 -6.58 -27.84
C TYR D 144 -16.70 -6.44 -28.87
N PHE D 145 -17.78 -5.74 -28.54
CA PHE D 145 -18.95 -5.57 -29.44
C PHE D 145 -18.51 -4.86 -30.73
N LEU D 146 -17.49 -4.01 -30.68
CA LEU D 146 -17.04 -3.28 -31.90
C LEU D 146 -16.50 -4.27 -32.95
N HIS D 147 -16.19 -5.51 -32.60
CA HIS D 147 -15.65 -6.52 -33.55
C HIS D 147 -16.76 -7.40 -34.18
N GLN D 148 -18.03 -7.07 -33.98
CA GLN D 148 -19.15 -7.83 -34.60
C GLN D 148 -19.19 -7.52 -36.10
N PRO D 150 -21.27 -6.22 -38.91
CA PRO D 150 -22.64 -6.66 -38.61
C PRO D 150 -22.94 -6.63 -37.10
N ALA D 151 -23.33 -5.46 -36.56
CA ALA D 151 -23.69 -5.40 -35.12
C ALA D 151 -24.96 -6.21 -34.90
N ASN D 152 -25.03 -7.04 -33.87
CA ASN D 152 -26.24 -7.84 -33.57
C ASN D 152 -26.72 -7.52 -32.14
N CYS D 153 -27.86 -6.85 -32.03
CA CYS D 153 -28.47 -6.33 -30.78
C CYS D 153 -28.78 -7.48 -29.84
N LYS D 154 -29.23 -8.62 -30.38
CA LYS D 154 -29.53 -9.80 -29.56
C LYS D 154 -28.24 -10.32 -28.94
N VAL D 155 -27.17 -10.44 -29.74
CA VAL D 155 -25.85 -10.91 -29.23
C VAL D 155 -25.39 -9.95 -28.11
N GLU D 156 -25.56 -8.65 -28.30
CA GLU D 156 -25.07 -7.66 -27.29
C GLU D 156 -25.87 -7.87 -26.00
N SER D 157 -27.20 -7.86 -26.10
CA SER D 157 -28.12 -8.11 -24.95
C SER D 157 -27.78 -9.43 -24.24
N LEU D 158 -27.53 -10.50 -24.99
CA LEU D 158 -27.28 -11.82 -24.37
C LEU D 158 -25.92 -11.85 -23.69
N ALA D 159 -24.88 -11.29 -24.31
CA ALA D 159 -23.54 -11.19 -23.70
C ALA D 159 -23.64 -10.37 -22.38
N MET D 160 -24.42 -9.29 -22.35
CA MET D 160 -24.60 -8.47 -21.11
CA MET D 160 -24.60 -8.47 -21.12
C MET D 160 -25.29 -9.31 -20.05
N PHE D 161 -26.35 -10.02 -20.44
CA PHE D 161 -27.11 -10.91 -19.54
C PHE D 161 -26.14 -11.91 -18.89
N LEU D 162 -25.32 -12.57 -19.71
CA LEU D 162 -24.40 -13.61 -19.23
C LEU D 162 -23.36 -12.98 -18.29
N GLY D 163 -22.79 -11.84 -18.67
CA GLY D 163 -21.80 -11.16 -17.82
C GLY D 163 -22.43 -10.78 -16.47
N GLU D 164 -23.71 -10.42 -16.49
CA GLU D 164 -24.42 -10.00 -15.25
C GLU D 164 -24.66 -11.24 -14.35
N LEU D 165 -25.06 -12.38 -14.91
CA LEU D 165 -25.24 -13.61 -14.10
C LEU D 165 -23.96 -13.93 -13.35
N SER D 166 -22.79 -13.72 -13.96
CA SER D 166 -21.47 -14.01 -13.34
C SER D 166 -21.29 -13.23 -12.03
N LEU D 167 -21.90 -12.04 -11.90
CA LEU D 167 -21.78 -11.20 -10.68
C LEU D 167 -22.37 -11.93 -9.46
N ILE D 168 -23.39 -12.79 -9.67
CA ILE D 168 -24.18 -13.37 -8.56
C ILE D 168 -23.35 -14.42 -7.79
N ASP D 169 -22.57 -15.21 -8.51
CA ASP D 169 -21.90 -16.43 -8.00
C ASP D 169 -20.40 -16.19 -7.86
N ALA D 170 -19.98 -15.79 -6.67
CA ALA D 170 -18.56 -15.57 -6.28
C ALA D 170 -17.76 -16.85 -6.56
N ASP D 171 -18.37 -18.00 -6.27
CA ASP D 171 -17.85 -19.32 -6.71
C ASP D 171 -18.68 -19.71 -7.93
N PRO D 172 -18.12 -19.82 -9.16
CA PRO D 172 -16.70 -19.72 -9.39
C PRO D 172 -16.11 -18.39 -9.93
N TYR D 173 -16.92 -17.35 -10.15
CA TYR D 173 -16.55 -16.24 -11.07
C TYR D 173 -15.42 -15.35 -10.50
N LEU D 174 -15.24 -15.25 -9.18
CA LEU D 174 -14.11 -14.49 -8.62
C LEU D 174 -12.76 -15.05 -9.11
N LYS D 175 -12.69 -16.28 -9.63
CA LYS D 175 -11.36 -16.75 -10.03
C LYS D 175 -11.06 -16.27 -11.45
N TYR D 176 -11.98 -15.60 -12.13
CA TYR D 176 -11.71 -15.12 -13.51
C TYR D 176 -11.63 -13.58 -13.49
N LEU D 177 -10.74 -13.06 -14.33
CA LEU D 177 -10.63 -11.62 -14.64
C LEU D 177 -11.81 -11.19 -15.48
N PRO D 178 -12.28 -9.93 -15.29
CA PRO D 178 -13.31 -9.33 -16.13
C PRO D 178 -13.12 -9.53 -17.64
N SER D 179 -11.89 -9.36 -18.15
CA SER D 179 -11.62 -9.48 -19.60
C SER D 179 -11.97 -10.91 -20.08
N VAL D 180 -11.82 -11.90 -19.22
CA VAL D 180 -11.98 -13.35 -19.57
C VAL D 180 -13.49 -13.69 -19.49
N ILE D 181 -14.15 -13.24 -18.42
CA ILE D 181 -15.62 -13.38 -18.27
C ILE D 181 -16.29 -12.75 -19.48
N ALA D 182 -15.87 -11.54 -19.88
CA ALA D 182 -16.43 -10.84 -21.04
C ALA D 182 -16.20 -11.65 -22.33
N GLY D 183 -15.04 -12.26 -22.46
CA GLY D 183 -14.69 -13.08 -23.63
C GLY D 183 -15.61 -14.31 -23.74
N ALA D 184 -15.82 -14.99 -22.62
CA ALA D 184 -16.70 -16.18 -22.55
C ALA D 184 -18.14 -15.73 -22.83
N ALA D 185 -18.60 -14.63 -22.20
CA ALA D 185 -19.97 -14.10 -22.37
C ALA D 185 -20.20 -13.75 -23.84
N PHE D 186 -19.23 -13.11 -24.47
CA PHE D 186 -19.34 -12.70 -25.89
C PHE D 186 -19.38 -13.93 -26.81
N HIS D 187 -18.42 -14.85 -26.69
CA HIS D 187 -18.42 -16.10 -27.50
C HIS D 187 -19.76 -16.85 -27.32
N LEU D 188 -20.20 -17.02 -26.08
CA LEU D 188 -21.40 -17.86 -25.75
C LEU D 188 -22.64 -17.18 -26.33
N ALA D 189 -22.74 -15.85 -26.25
CA ALA D 189 -23.85 -15.08 -26.83
C ALA D 189 -23.82 -15.17 -28.36
N LEU D 190 -22.67 -14.95 -28.98
CA LEU D 190 -22.49 -15.08 -30.45
C LEU D 190 -22.95 -16.47 -30.90
N TYR D 191 -22.41 -17.52 -30.30
CA TYR D 191 -22.67 -18.93 -30.65
C TYR D 191 -24.15 -19.23 -30.52
N THR D 192 -24.77 -18.78 -29.43
CA THR D 192 -26.21 -18.99 -29.13
C THR D 192 -27.07 -18.33 -30.22
N VAL D 193 -26.76 -17.09 -30.60
CA VAL D 193 -27.66 -16.32 -31.50
C VAL D 193 -27.36 -16.65 -32.97
N THR D 194 -26.11 -16.88 -33.35
CA THR D 194 -25.70 -16.90 -34.77
C THR D 194 -24.87 -18.13 -35.10
N GLY D 195 -24.45 -18.94 -34.12
CA GLY D 195 -23.59 -20.10 -34.38
C GLY D 195 -22.16 -19.71 -34.74
N GLN D 196 -21.84 -18.42 -34.81
CA GLN D 196 -20.44 -17.93 -35.00
C GLN D 196 -19.64 -18.08 -33.70
N SER D 197 -18.31 -17.97 -33.80
CA SER D 197 -17.34 -18.15 -32.67
C SER D 197 -16.49 -16.89 -32.42
N TRP D 198 -15.90 -16.81 -31.22
CA TRP D 198 -14.84 -15.84 -30.83
C TRP D 198 -14.00 -15.46 -32.04
N PRO D 199 -14.12 -14.24 -32.60
CA PRO D 199 -13.49 -13.91 -33.88
C PRO D 199 -11.98 -13.66 -33.83
N GLU D 200 -11.32 -13.83 -34.97
CA GLU D 200 -9.85 -13.74 -35.09
C GLU D 200 -9.42 -12.33 -34.65
N SER D 201 -10.17 -11.30 -35.04
CA SER D 201 -9.85 -9.89 -34.64
C SER D 201 -9.78 -9.79 -33.10
N LEU D 202 -10.59 -10.54 -32.34
CA LEU D 202 -10.53 -10.46 -30.84
C LEU D 202 -9.43 -11.37 -30.30
N ILE D 203 -9.10 -12.44 -31.01
CA ILE D 203 -7.89 -13.25 -30.65
C ILE D 203 -6.68 -12.33 -30.70
N ARG D 204 -6.58 -11.49 -31.73
CA ARG D 204 -5.44 -10.55 -31.89
C ARG D 204 -5.51 -9.45 -30.83
N LYS D 205 -6.67 -8.84 -30.63
CA LYS D 205 -6.79 -7.73 -29.65
C LYS D 205 -6.42 -8.20 -28.24
N THR D 206 -6.95 -9.34 -27.81
CA THR D 206 -6.97 -9.77 -26.38
C THR D 206 -5.83 -10.73 -26.10
N GLY D 207 -5.38 -11.45 -27.14
CA GLY D 207 -4.43 -12.57 -26.99
C GLY D 207 -5.10 -13.79 -26.40
N TYR D 208 -6.42 -13.77 -26.26
CA TYR D 208 -7.21 -14.92 -25.75
C TYR D 208 -7.61 -15.79 -26.95
N THR D 209 -7.26 -17.07 -26.92
CA THR D 209 -7.83 -18.10 -27.84
C THR D 209 -9.12 -18.64 -27.23
N LEU D 210 -9.96 -19.27 -28.07
CA LEU D 210 -11.13 -20.05 -27.58
C LEU D 210 -10.65 -21.02 -26.50
N GLU D 211 -9.46 -21.60 -26.67
CA GLU D 211 -8.90 -22.59 -25.73
C GLU D 211 -8.67 -21.93 -24.36
N SER D 212 -8.08 -20.73 -24.30
CA SER D 212 -7.79 -20.05 -23.01
C SER D 212 -9.11 -19.70 -22.30
N LEU D 213 -10.18 -19.47 -23.06
CA LEU D 213 -11.51 -19.08 -22.52
C LEU D 213 -12.29 -20.31 -22.04
N LYS D 214 -11.83 -21.52 -22.39
CA LYS D 214 -12.63 -22.76 -22.22
C LYS D 214 -13.03 -22.92 -20.76
N PRO D 215 -12.11 -22.89 -19.78
CA PRO D 215 -12.52 -23.10 -18.38
C PRO D 215 -13.67 -22.18 -17.98
N CYS D 216 -13.56 -20.87 -18.26
CA CYS D 216 -14.63 -19.89 -17.95
C CYS D 216 -15.90 -20.21 -18.78
N LEU D 217 -15.74 -20.56 -20.05
CA LEU D 217 -16.89 -20.92 -20.93
C LEU D 217 -17.68 -22.09 -20.33
N MET D 218 -17.01 -23.15 -19.87
CA MET D 218 -17.68 -24.35 -19.29
C MET D 218 -18.51 -23.88 -18.08
N ASP D 219 -17.92 -23.05 -17.22
CA ASP D 219 -18.60 -22.52 -16.01
C ASP D 219 -19.82 -21.74 -16.49
N LEU D 220 -19.63 -20.86 -17.45
CA LEU D 220 -20.70 -19.90 -17.84
C LEU D 220 -21.80 -20.66 -18.58
N HIS D 221 -21.46 -21.71 -19.32
CA HIS D 221 -22.47 -22.58 -19.99
C HIS D 221 -23.41 -23.24 -18.95
N GLN D 222 -22.85 -23.79 -17.91
CA GLN D 222 -23.62 -24.42 -16.80
C GLN D 222 -24.51 -23.34 -16.17
N THR D 223 -23.94 -22.17 -15.87
CA THR D 223 -24.70 -21.08 -15.23
C THR D 223 -25.90 -20.77 -16.13
N TYR D 224 -25.67 -20.67 -17.43
CA TYR D 224 -26.70 -20.32 -18.43
C TYR D 224 -27.79 -21.41 -18.39
N LEU D 225 -27.36 -22.67 -18.51
CA LEU D 225 -28.26 -23.85 -18.52
C LEU D 225 -29.12 -23.85 -17.26
N LYS D 226 -28.56 -23.51 -16.10
CA LYS D 226 -29.25 -23.67 -14.80
C LYS D 226 -29.92 -22.38 -14.34
N ALA D 227 -29.91 -21.33 -15.15
CA ALA D 227 -30.36 -19.99 -14.70
C ALA D 227 -31.83 -20.02 -14.29
N PRO D 228 -32.73 -20.77 -15.00
CA PRO D 228 -34.14 -20.80 -14.60
C PRO D 228 -34.35 -21.46 -13.23
N GLN D 229 -33.40 -22.24 -12.72
CA GLN D 229 -33.50 -22.94 -11.40
C GLN D 229 -32.81 -22.16 -10.26
N HIS D 230 -32.00 -21.15 -10.58
CA HIS D 230 -31.15 -20.47 -9.57
C HIS D 230 -32.08 -19.83 -8.56
N ALA D 231 -31.72 -19.76 -7.29
CA ALA D 231 -32.57 -19.03 -6.30
C ALA D 231 -32.70 -17.55 -6.67
N GLN D 232 -31.66 -16.97 -7.29
CA GLN D 232 -31.68 -15.55 -7.66
C GLN D 232 -32.17 -15.40 -9.12
N GLN D 233 -33.19 -14.56 -9.31
CA GLN D 233 -33.94 -14.50 -10.60
C GLN D 233 -34.04 -13.05 -11.12
N SER D 234 -33.53 -12.04 -10.42
CA SER D 234 -33.75 -10.63 -10.83
C SER D 234 -33.14 -10.34 -12.20
N ILE D 235 -32.00 -10.94 -12.54
CA ILE D 235 -31.32 -10.67 -13.83
C ILE D 235 -32.18 -11.30 -14.97
N ARG D 236 -32.64 -12.54 -14.83
CA ARG D 236 -33.59 -13.12 -15.81
C ARG D 236 -34.83 -12.23 -15.98
N GLU D 237 -35.44 -11.75 -14.91
CA GLU D 237 -36.65 -10.90 -15.04
C GLU D 237 -36.26 -9.68 -15.86
N LYS D 238 -35.13 -9.04 -15.54
CA LYS D 238 -34.70 -7.79 -16.20
C LYS D 238 -34.54 -8.03 -17.71
N TYR D 239 -33.85 -9.10 -18.11
CA TYR D 239 -33.47 -9.33 -19.52
C TYR D 239 -34.60 -10.03 -20.32
N LYS D 240 -35.80 -10.12 -19.75
CA LYS D 240 -37.05 -10.46 -20.50
C LYS D 240 -37.55 -9.22 -21.24
N ASN D 241 -37.29 -8.02 -20.74
CA ASN D 241 -37.76 -6.74 -21.31
C ASN D 241 -37.34 -6.64 -22.80
N SER D 242 -38.15 -5.95 -23.59
CA SER D 242 -37.91 -5.65 -25.02
C SER D 242 -36.65 -4.79 -25.13
N LYS D 243 -36.39 -3.95 -24.14
CA LYS D 243 -35.11 -3.20 -24.02
C LYS D 243 -33.94 -4.14 -24.39
N TYR D 244 -33.98 -5.40 -23.94
CA TYR D 244 -32.89 -6.40 -24.08
C TYR D 244 -33.31 -7.50 -25.05
N HIS D 245 -34.26 -7.21 -25.94
CA HIS D 245 -34.68 -8.15 -27.02
C HIS D 245 -35.20 -9.46 -26.41
N GLY D 246 -35.73 -9.41 -25.17
CA GLY D 246 -36.14 -10.59 -24.37
C GLY D 246 -35.16 -11.73 -24.36
N VAL D 247 -33.84 -11.47 -24.36
CA VAL D 247 -32.84 -12.56 -24.58
C VAL D 247 -32.87 -13.61 -23.46
N SER D 248 -33.30 -13.28 -22.23
CA SER D 248 -33.32 -14.29 -21.13
C SER D 248 -34.36 -15.39 -21.43
N LEU D 249 -35.29 -15.15 -22.36
CA LEU D 249 -36.29 -16.18 -22.81
C LEU D 249 -35.67 -17.13 -23.84
N LEU D 250 -34.50 -16.87 -24.44
CA LEU D 250 -33.93 -17.76 -25.49
C LEU D 250 -33.49 -19.07 -24.86
N ASN D 251 -33.50 -20.17 -25.62
CA ASN D 251 -32.96 -21.49 -25.17
C ASN D 251 -31.45 -21.49 -25.28
N PRO D 252 -30.73 -21.85 -24.21
CA PRO D 252 -29.29 -21.97 -24.29
C PRO D 252 -28.95 -23.11 -25.24
N PRO D 253 -27.77 -23.09 -25.86
CA PRO D 253 -27.32 -24.21 -26.67
C PRO D 253 -27.10 -25.40 -25.75
N GLU D 254 -27.33 -26.61 -26.25
CA GLU D 254 -27.18 -27.84 -25.43
C GLU D 254 -25.68 -28.17 -25.35
N THR D 255 -24.93 -28.00 -26.43
CA THR D 255 -23.47 -28.25 -26.45
C THR D 255 -22.76 -27.03 -27.04
N LEU D 256 -21.45 -26.90 -26.80
CA LEU D 256 -20.65 -25.80 -27.40
C LEU D 256 -19.73 -26.37 -28.48
N ASN D 257 -19.57 -27.69 -28.56
CA ASN D 257 -18.69 -28.38 -29.56
C ASN D 257 -17.28 -27.79 -29.53
N LEU D 258 -16.65 -27.75 -28.35
CA LEU D 258 -15.26 -27.26 -28.17
C LEU D 258 -14.33 -28.48 -28.19
N1 D5P E . -4.78 -11.16 29.19
N3 D5P E . -9.40 -11.79 25.14
C4 D5P E . -8.45 -10.84 25.03
C5 D5P E . -9.63 -12.58 26.33
C6 D5P E . -10.62 -11.93 27.23
C7 D5P E . -10.32 -11.65 28.55
C8 D5P E . -11.24 -11.04 29.38
C10 D5P E . -14.79 -10.01 29.55
C13 D5P E . -12.83 -11.06 27.59
C15 D5P E . -8.04 -10.36 23.78
C17 D5P E . -5.78 -8.24 21.72
C20 D5P E . -4.26 -8.61 21.87
C21 D5P E . -7.02 -9.40 23.71
C1 D5P E . -6.21 -11.15 28.80
C2 D5P E . -6.87 -9.79 28.78
S1 D5P E . -6.20 -8.75 27.42
C3 D5P E . -6.90 -9.43 25.97
N2 D5P E . -7.90 -10.33 26.14
C9 D5P E . -12.51 -10.78 28.90
N4 D5P E . -13.47 -10.15 29.74
C11 D5P E . -15.29 -9.28 30.59
C12 D5P E . -14.18 -8.96 31.37
N5 D5P E . -13.05 -9.47 30.84
C14 D5P E . -11.89 -11.63 26.76
N6 D5P E . -8.40 -10.58 22.50
N7 D5P E . -7.61 -9.87 21.65
C16 D5P E . -6.78 -9.13 22.38
C18 D5P E . -5.49 -6.91 22.39
C19 D5P E . -3.96 -7.17 22.23
N8 D5P E . -6.43 -8.91 24.82
C1 GOL F . -12.29 -2.35 12.20
O1 GOL F . -13.13 -3.26 12.91
C2 GOL F . -11.00 -2.96 11.66
O2 GOL F . -11.19 -4.13 10.87
C3 GOL F . -10.21 -1.96 10.84
O3 GOL F . -10.37 -0.63 11.33
C1 EDO G . 15.55 -17.99 48.99
O1 EDO G . 16.88 -17.78 49.45
C2 EDO G . 15.17 -19.44 49.11
O2 EDO G . 14.24 -19.92 48.14
C1 EDO H . -2.19 -3.13 9.21
O1 EDO H . -2.15 -4.15 10.20
C2 EDO H . -2.63 -1.89 9.89
O2 EDO H . -1.86 -1.68 11.06
C1 PEG I . 24.16 19.05 10.36
O1 PEG I . 24.51 19.80 11.52
C2 PEG I . 22.67 18.86 10.20
O2 PEG I . 22.40 18.33 8.89
C3 PEG I . 21.20 18.80 8.25
C4 PEG I . 21.49 19.47 6.90
O4 PEG I . 22.21 18.64 5.93
C1 PEG J . 15.56 -15.25 -0.34
O1 PEG J . 14.41 -14.42 -0.23
C2 PEG J . 16.19 -15.24 -1.71
O2 PEG J . 17.29 -16.14 -1.74
C3 PEG J . 18.10 -16.12 -0.57
C4 PEG J . 19.49 -16.57 -0.89
O4 PEG J . 19.51 -17.63 -1.84
C1 SGM K . 9.16 -1.62 4.70
C2 SGM K . 8.35 -2.69 3.98
O2 SGM K . 7.28 -2.04 3.27
C3 SGM K . 7.73 -3.75 4.86
O3 SGM K . 8.33 -3.81 6.15
S1 SGM K . 10.66 -1.99 5.65
C1 EDO L . 12.28 24.98 12.21
O1 EDO L . 11.52 25.77 13.10
C2 EDO L . 13.45 25.67 11.68
O2 EDO L . 13.73 25.24 10.36
C1 EDO M . 25.77 12.04 28.13
O1 EDO M . 25.11 12.17 29.44
C2 EDO M . 25.37 13.06 27.09
O2 EDO M . 26.36 13.39 26.14
N1 D5P N . -7.05 28.91 -10.83
N3 D5P N . -1.61 28.13 -8.27
C4 D5P N . -2.69 27.37 -7.98
C5 D5P N . -1.69 29.38 -8.98
C6 D5P N . -1.90 30.54 -8.06
C7 D5P N . -3.00 31.37 -8.18
C8 D5P N . -3.20 32.44 -7.32
C10 D5P N . -1.60 34.27 -4.54
C13 D5P N . -1.17 31.84 -6.16
C15 D5P N . -2.53 26.04 -7.62
C17 D5P N . -3.97 22.71 -6.85
C20 D5P N . -4.82 22.14 -8.01
C21 D5P N . -3.66 25.24 -7.41
C1 D5P N . -5.94 29.35 -9.99
C2 D5P N . -6.32 29.46 -8.53
S1 D5P N . -6.59 27.78 -7.85
C3 D5P N . -4.99 27.06 -7.83
N2 D5P N . -3.93 27.89 -8.03
C9 D5P N . -2.27 32.69 -6.33
N4 D5P N . -2.48 33.74 -5.42
C11 D5P N . -2.27 35.21 -3.80
C12 D5P N . -3.59 35.14 -4.27
N5 D5P N . -3.74 34.24 -5.25
C14 D5P N . -0.99 30.80 -7.05
N6 D5P N . -1.44 25.23 -7.49
N7 D5P N . -1.83 23.95 -7.21
C16 D5P N . -3.22 23.95 -7.14
C18 D5P N . -5.21 22.78 -5.98
C19 D5P N . -6.00 22.00 -7.05
N8 D5P N . -4.93 25.74 -7.49
C1 GOL O . 2.26 17.24 2.91
O1 GOL O . 3.01 18.41 2.60
C2 GOL O . 2.09 16.23 1.78
O2 GOL O . 3.28 15.86 1.08
C3 GOL O . 1.43 14.97 2.27
O3 GOL O . 0.75 15.18 3.50
C1 EDO P . -3.40 10.36 -2.85
O1 EDO P . -3.29 10.28 -1.44
C2 EDO P . -2.10 10.27 -3.58
O2 EDO P . -1.07 9.62 -2.87
C1 SGM Q . -7.72 -0.62 -7.31
C2 SGM Q . -6.28 -0.56 -7.79
O2 SGM Q . -5.41 -0.83 -6.69
C3 SGM Q . -5.85 0.77 -8.37
O3 SGM Q . -6.89 1.34 -9.15
S1 SGM Q . -9.06 -0.50 -8.55
C1 SGM R . -27.26 -1.15 -30.33
C2 SGM R . -27.66 -1.39 -28.88
O2 SGM R . -27.52 -2.76 -28.55
C3 SGM R . -29.08 -0.94 -28.57
O3 SGM R . -29.25 -0.71 -27.17
S1 SGM R . -26.61 -2.64 -31.12
C1 PEG S . -28.40 -9.65 2.61
O1 PEG S . -27.75 -10.82 2.07
C2 PEG S . -28.57 -8.56 1.57
O2 PEG S . -29.77 -7.83 1.76
C3 PEG S . -30.46 -7.52 0.56
C4 PEG S . -31.68 -8.37 0.45
O4 PEG S . -32.80 -7.79 1.07
C1 EDO T . -3.22 -6.41 -23.87
O1 EDO T . -2.22 -6.37 -22.87
C2 EDO T . -3.43 -7.74 -24.43
O2 EDO T . -2.24 -8.23 -25.02
#